data_1M3C
#
_entry.id   1M3C
#
_entity_poly.entity_id   1
_entity_poly.type   'polypeptide(L)'
_entity_poly.pdbx_seq_one_letter_code
;CGAEYVRALFDFNGNDEEDLPFKKGDILRIRDKPEEQWWNAEDSEGKRGMIPVPYVEKYG
;
_entity_poly.pdbx_strand_id   A
#
# COMPACT_ATOMS: atom_id res chain seq x y z
N CYS A 1 -5.01 -12.76 5.82
CA CYS A 1 -4.02 -13.69 5.28
C CYS A 1 -2.92 -13.88 6.33
N GLY A 2 -1.94 -12.99 6.29
CA GLY A 2 -0.84 -13.06 7.23
C GLY A 2 0.47 -12.65 6.56
N ALA A 3 0.60 -13.01 5.30
CA ALA A 3 1.80 -12.69 4.54
C ALA A 3 1.77 -11.20 4.19
N GLU A 4 1.74 -10.38 5.22
CA GLU A 4 1.73 -8.94 5.04
C GLU A 4 0.84 -8.57 3.83
N TYR A 5 -0.45 -8.77 4.02
CA TYR A 5 -1.41 -8.46 2.97
C TYR A 5 -2.31 -7.29 3.36
N VAL A 6 -2.39 -6.32 2.47
CA VAL A 6 -3.20 -5.14 2.71
C VAL A 6 -3.93 -4.75 1.43
N ARG A 7 -5.17 -4.32 1.59
CA ARG A 7 -5.98 -3.91 0.45
C ARG A 7 -6.23 -2.41 0.50
N ALA A 8 -6.16 -1.78 -0.67
CA ALA A 8 -6.38 -0.35 -0.79
C ALA A 8 -7.85 -0.10 -1.16
N LEU A 9 -8.56 0.51 -0.25
CA LEU A 9 -9.97 0.83 -0.47
C LEU A 9 -10.08 2.18 -1.17
N PHE A 10 -9.03 2.98 -1.02
CA PHE A 10 -9.01 4.29 -1.63
C PHE A 10 -8.14 4.30 -2.90
N ASP A 11 -8.26 5.37 -3.66
CA ASP A 11 -7.49 5.50 -4.89
C ASP A 11 -6.61 6.75 -4.81
N PHE A 12 -5.46 6.66 -5.45
CA PHE A 12 -4.52 7.76 -5.45
C PHE A 12 -3.24 7.41 -6.24
N ASN A 13 -3.45 7.10 -7.51
CA ASN A 13 -2.34 6.74 -8.37
C ASN A 13 -1.29 7.85 -8.35
N GLY A 14 -1.73 9.01 -7.86
CA GLY A 14 -0.84 10.16 -7.77
C GLY A 14 0.46 9.80 -7.07
N ASN A 15 1.23 10.83 -6.73
CA ASN A 15 2.50 10.64 -6.06
C ASN A 15 3.01 11.99 -5.54
N ASP A 16 2.26 12.52 -4.58
CA ASP A 16 2.63 13.81 -3.99
C ASP A 16 4.14 13.85 -3.77
N GLU A 17 4.64 12.88 -3.03
CA GLU A 17 6.06 12.80 -2.75
C GLU A 17 6.58 11.38 -3.02
N GLU A 18 6.40 10.95 -4.26
CA GLU A 18 6.85 9.63 -4.67
C GLU A 18 6.04 8.56 -3.94
N ASP A 19 4.76 8.85 -3.75
CA ASP A 19 3.87 7.92 -3.07
C ASP A 19 3.64 6.70 -3.97
N LEU A 20 2.84 5.78 -3.46
CA LEU A 20 2.55 4.56 -4.19
C LEU A 20 1.13 4.67 -4.80
N PRO A 21 1.06 4.36 -6.11
CA PRO A 21 -0.22 4.42 -6.81
C PRO A 21 -1.10 3.22 -6.45
N PHE A 22 -2.41 3.44 -6.53
CA PHE A 22 -3.36 2.40 -6.22
C PHE A 22 -4.80 2.88 -6.42
N LYS A 23 -5.72 1.94 -6.37
CA LYS A 23 -7.13 2.25 -6.54
C LYS A 23 -7.92 1.68 -5.36
N LYS A 24 -9.24 1.68 -5.52
CA LYS A 24 -10.13 1.17 -4.49
C LYS A 24 -10.37 -0.33 -4.73
N GLY A 25 -9.75 -1.14 -3.88
CA GLY A 25 -9.90 -2.58 -3.98
C GLY A 25 -8.64 -3.21 -4.57
N ASP A 26 -7.52 -2.54 -4.36
CA ASP A 26 -6.24 -3.03 -4.87
C ASP A 26 -5.57 -3.88 -3.78
N ILE A 27 -4.61 -4.68 -4.23
CA ILE A 27 -3.88 -5.56 -3.32
C ILE A 27 -2.44 -5.08 -3.21
N LEU A 28 -2.00 -4.89 -1.98
CA LEU A 28 -0.64 -4.44 -1.73
C LEU A 28 -0.09 -5.15 -0.49
N ARG A 29 1.08 -5.75 -0.66
CA ARG A 29 1.73 -6.47 0.43
C ARG A 29 2.57 -5.51 1.27
N ILE A 30 2.58 -5.76 2.57
CA ILE A 30 3.33 -4.93 3.49
C ILE A 30 4.77 -5.45 3.58
N ARG A 31 5.70 -4.62 3.13
CA ARG A 31 7.10 -4.98 3.16
C ARG A 31 7.78 -4.39 4.40
N ASP A 32 7.92 -3.08 4.40
CA ASP A 32 8.55 -2.38 5.50
C ASP A 32 7.71 -1.16 5.87
N LYS A 33 8.10 -0.52 6.97
CA LYS A 33 7.39 0.66 7.44
C LYS A 33 8.40 1.74 7.81
N PRO A 34 8.78 2.55 6.79
CA PRO A 34 9.74 3.63 7.00
C PRO A 34 9.10 4.80 7.74
N GLU A 35 7.78 4.90 7.59
CA GLU A 35 7.03 5.96 8.23
C GLU A 35 5.90 5.39 9.08
N GLU A 36 5.32 6.25 9.91
CA GLU A 36 4.24 5.84 10.78
C GLU A 36 2.90 5.99 10.05
N GLN A 37 2.92 6.78 9.00
CA GLN A 37 1.71 7.01 8.21
C GLN A 37 1.77 6.21 6.90
N TRP A 38 2.86 6.40 6.18
CA TRP A 38 3.05 5.70 4.92
C TRP A 38 4.00 4.53 5.16
N TRP A 39 3.60 3.38 4.62
CA TRP A 39 4.40 2.18 4.78
C TRP A 39 4.86 1.73 3.40
N ASN A 40 5.96 1.01 3.37
CA ASN A 40 6.52 0.53 2.12
C ASN A 40 5.87 -0.81 1.76
N ALA A 41 4.86 -0.73 0.90
CA ALA A 41 4.15 -1.92 0.47
C ALA A 41 4.49 -2.21 -1.00
N GLU A 42 4.12 -3.41 -1.43
CA GLU A 42 4.37 -3.82 -2.80
C GLU A 42 3.05 -4.05 -3.53
N ASP A 43 2.80 -3.20 -4.51
CA ASP A 43 1.58 -3.30 -5.29
C ASP A 43 1.64 -4.56 -6.16
N SER A 44 0.61 -4.74 -6.97
CA SER A 44 0.53 -5.90 -7.85
C SER A 44 1.44 -5.69 -9.05
N GLU A 45 2.72 -5.47 -8.78
CA GLU A 45 3.69 -5.26 -9.82
C GLU A 45 5.09 -5.15 -9.23
N GLY A 46 5.24 -5.71 -8.04
CA GLY A 46 6.52 -5.69 -7.36
C GLY A 46 7.04 -4.26 -7.20
N LYS A 47 6.09 -3.33 -7.11
CA LYS A 47 6.43 -1.93 -6.96
C LYS A 47 6.36 -1.54 -5.48
N ARG A 48 7.53 -1.28 -4.92
CA ARG A 48 7.62 -0.90 -3.52
C ARG A 48 7.53 0.62 -3.37
N GLY A 49 6.53 1.06 -2.63
CA GLY A 49 6.32 2.47 -2.40
C GLY A 49 5.66 2.72 -1.04
N MET A 50 5.57 4.00 -0.68
CA MET A 50 4.98 4.38 0.59
C MET A 50 3.46 4.54 0.46
N ILE A 51 2.76 3.46 0.73
CA ILE A 51 1.31 3.47 0.65
C ILE A 51 0.72 3.88 2.00
N PRO A 52 -0.41 4.62 1.93
CA PRO A 52 -1.08 5.09 3.13
C PRO A 52 -1.83 3.95 3.81
N VAL A 53 -1.62 3.85 5.12
CA VAL A 53 -2.27 2.81 5.91
C VAL A 53 -3.74 3.18 6.10
N PRO A 54 -4.01 4.50 6.14
CA PRO A 54 -5.36 4.99 6.32
C PRO A 54 -6.18 4.84 5.03
N TYR A 55 -5.47 4.52 3.96
CA TYR A 55 -6.11 4.34 2.66
C TYR A 55 -6.28 2.85 2.34
N VAL A 56 -5.50 2.03 3.03
CA VAL A 56 -5.56 0.59 2.83
C VAL A 56 -6.05 -0.07 4.11
N GLU A 57 -6.23 -1.39 4.02
CA GLU A 57 -6.70 -2.16 5.16
C GLU A 57 -5.89 -3.45 5.30
N LYS A 58 -6.06 -4.10 6.44
CA LYS A 58 -5.35 -5.35 6.70
C LYS A 58 -6.24 -6.52 6.32
N TYR A 59 -5.60 -7.53 5.74
CA TYR A 59 -6.33 -8.72 5.32
C TYR A 59 -6.31 -9.79 6.41
N GLY A 60 -7.07 -10.85 6.17
CA GLY A 60 -7.13 -11.95 7.12
C GLY A 60 -6.04 -12.98 6.87
N CYS A 1 -5.08 -11.84 9.04
CA CYS A 1 -4.28 -13.03 9.31
C CYS A 1 -2.81 -12.64 9.20
N GLY A 2 -1.95 -13.66 9.22
CA GLY A 2 -0.53 -13.44 9.12
C GLY A 2 -0.16 -12.77 7.81
N ALA A 3 1.12 -12.87 7.45
CA ALA A 3 1.61 -12.28 6.22
C ALA A 3 1.57 -10.76 6.35
N GLU A 4 1.59 -10.10 5.19
CA GLU A 4 1.55 -8.64 5.16
C GLU A 4 0.82 -8.16 3.91
N TYR A 5 -0.48 -8.41 3.88
CA TYR A 5 -1.30 -8.02 2.75
C TYR A 5 -2.44 -7.08 3.21
N VAL A 6 -2.58 -5.99 2.47
CA VAL A 6 -3.61 -5.02 2.78
C VAL A 6 -4.42 -4.70 1.51
N ARG A 7 -5.60 -4.13 1.72
CA ARG A 7 -6.46 -3.78 0.61
C ARG A 7 -6.71 -2.28 0.59
N ALA A 8 -6.43 -1.68 -0.55
CA ALA A 8 -6.61 -0.24 -0.72
C ALA A 8 -8.03 0.02 -1.23
N LEU A 9 -8.86 0.54 -0.33
CA LEU A 9 -10.23 0.84 -0.67
C LEU A 9 -10.32 2.27 -1.23
N PHE A 10 -9.40 3.11 -0.75
CA PHE A 10 -9.36 4.49 -1.19
C PHE A 10 -8.43 4.66 -2.40
N ASP A 11 -8.72 5.68 -3.19
CA ASP A 11 -7.93 5.95 -4.38
C ASP A 11 -7.07 7.20 -4.13
N PHE A 12 -5.95 7.25 -4.84
CA PHE A 12 -5.03 8.37 -4.71
C PHE A 12 -3.83 8.21 -5.64
N ASN A 13 -4.09 7.63 -6.80
CA ASN A 13 -3.05 7.41 -7.78
C ASN A 13 -2.20 8.68 -7.91
N GLY A 14 -0.89 8.47 -7.98
CA GLY A 14 0.03 9.59 -8.11
C GLY A 14 0.55 9.71 -9.54
N ASN A 15 1.85 9.54 -9.69
CA ASN A 15 2.48 9.63 -11.00
C ASN A 15 3.98 9.33 -10.87
N ASP A 16 4.60 10.01 -9.92
CA ASP A 16 6.02 9.83 -9.68
C ASP A 16 6.36 8.34 -9.74
N GLU A 17 7.61 8.06 -10.07
CA GLU A 17 8.07 6.68 -10.16
C GLU A 17 8.62 6.21 -8.82
N GLU A 18 7.86 6.50 -7.77
CA GLU A 18 8.25 6.10 -6.43
C GLU A 18 7.03 5.71 -5.61
N ASP A 19 6.01 6.55 -5.69
CA ASP A 19 4.77 6.31 -4.97
C ASP A 19 4.04 5.12 -5.59
N LEU A 20 3.03 4.65 -4.88
CA LEU A 20 2.24 3.52 -5.35
C LEU A 20 0.82 3.99 -5.65
N PRO A 21 0.50 4.07 -6.97
CA PRO A 21 -0.82 4.50 -7.40
C PRO A 21 -1.85 3.39 -7.19
N PHE A 22 -3.00 3.79 -6.66
CA PHE A 22 -4.07 2.85 -6.39
C PHE A 22 -5.44 3.52 -6.55
N LYS A 23 -6.47 2.68 -6.60
CA LYS A 23 -7.83 3.18 -6.75
C LYS A 23 -8.67 2.71 -5.56
N LYS A 24 -9.29 1.55 -5.73
CA LYS A 24 -10.12 0.99 -4.69
C LYS A 24 -10.24 -0.52 -4.89
N GLY A 25 -9.76 -1.26 -3.90
CA GLY A 25 -9.80 -2.71 -3.96
C GLY A 25 -8.45 -3.29 -4.42
N ASP A 26 -7.44 -2.44 -4.35
CA ASP A 26 -6.10 -2.84 -4.76
C ASP A 26 -5.43 -3.62 -3.62
N ILE A 27 -4.46 -4.44 -3.99
CA ILE A 27 -3.74 -5.24 -3.01
C ILE A 27 -2.31 -4.73 -2.88
N LEU A 28 -1.85 -4.67 -1.65
CA LEU A 28 -0.49 -4.20 -1.38
C LEU A 28 0.13 -5.05 -0.27
N ARG A 29 1.37 -5.41 -0.48
CA ARG A 29 2.10 -6.22 0.49
C ARG A 29 3.00 -5.34 1.35
N ILE A 30 2.87 -5.51 2.66
CA ILE A 30 3.68 -4.74 3.60
C ILE A 30 5.05 -5.41 3.76
N ARG A 31 6.08 -4.64 3.47
CA ARG A 31 7.45 -5.14 3.58
C ARG A 31 8.26 -4.26 4.53
N ASP A 32 8.07 -2.96 4.38
CA ASP A 32 8.78 -2.00 5.22
C ASP A 32 7.79 -0.93 5.71
N LYS A 33 8.28 -0.11 6.62
CA LYS A 33 7.46 0.95 7.18
C LYS A 33 8.35 1.96 7.91
N PRO A 34 8.91 2.91 7.12
CA PRO A 34 9.79 3.93 7.68
C PRO A 34 8.98 4.98 8.45
N GLU A 35 7.73 5.15 8.03
CA GLU A 35 6.86 6.11 8.67
C GLU A 35 5.64 5.40 9.28
N GLU A 36 4.90 6.16 10.08
CA GLU A 36 3.71 5.62 10.72
C GLU A 36 2.47 5.89 9.88
N GLN A 37 2.61 6.87 8.99
CA GLN A 37 1.51 7.25 8.11
C GLN A 37 1.50 6.36 6.86
N TRP A 38 2.61 6.37 6.16
CA TRP A 38 2.74 5.58 4.95
C TRP A 38 3.68 4.40 5.25
N TRP A 39 3.46 3.31 4.55
CA TRP A 39 4.27 2.12 4.73
C TRP A 39 4.79 1.68 3.36
N ASN A 40 5.94 1.05 3.38
CA ASN A 40 6.56 0.57 2.14
C ASN A 40 6.01 -0.82 1.81
N ALA A 41 5.05 -0.85 0.90
CA ALA A 41 4.44 -2.10 0.50
C ALA A 41 4.67 -2.31 -1.01
N GLU A 42 4.13 -3.40 -1.51
CA GLU A 42 4.27 -3.73 -2.92
C GLU A 42 2.89 -3.81 -3.58
N ASP A 43 2.70 -2.98 -4.59
CA ASP A 43 1.44 -2.95 -5.31
C ASP A 43 1.32 -4.20 -6.18
N SER A 44 0.40 -4.15 -7.12
CA SER A 44 0.17 -5.27 -8.02
C SER A 44 1.10 -5.15 -9.24
N GLU A 45 2.40 -5.09 -8.95
CA GLU A 45 3.39 -4.97 -10.00
C GLU A 45 4.80 -4.98 -9.40
N GLY A 46 4.92 -5.65 -8.26
CA GLY A 46 6.20 -5.73 -7.58
C GLY A 46 6.81 -4.35 -7.36
N LYS A 47 5.93 -3.35 -7.33
CA LYS A 47 6.37 -1.98 -7.13
C LYS A 47 6.36 -1.66 -5.63
N ARG A 48 7.56 -1.53 -5.08
CA ARG A 48 7.70 -1.23 -3.66
C ARG A 48 7.76 0.28 -3.45
N GLY A 49 6.74 0.79 -2.76
CA GLY A 49 6.67 2.21 -2.49
C GLY A 49 5.92 2.48 -1.18
N MET A 50 5.91 3.74 -0.79
CA MET A 50 5.23 4.14 0.44
C MET A 50 3.76 4.46 0.17
N ILE A 51 2.90 3.55 0.60
CA ILE A 51 1.47 3.72 0.42
C ILE A 51 0.82 4.07 1.76
N PRO A 52 -0.39 4.66 1.68
CA PRO A 52 -1.12 5.05 2.88
C PRO A 52 -1.74 3.83 3.56
N VAL A 53 -1.45 3.71 4.85
CA VAL A 53 -1.97 2.59 5.62
C VAL A 53 -3.44 2.84 5.94
N PRO A 54 -3.78 4.15 6.15
CA PRO A 54 -5.14 4.52 6.46
C PRO A 54 -6.02 4.47 5.21
N TYR A 55 -5.37 4.29 4.08
CA TYR A 55 -6.08 4.22 2.81
C TYR A 55 -6.34 2.77 2.41
N VAL A 56 -5.79 1.86 3.19
CA VAL A 56 -5.95 0.44 2.93
C VAL A 56 -6.42 -0.25 4.22
N GLU A 57 -6.69 -1.54 4.08
CA GLU A 57 -7.15 -2.33 5.22
C GLU A 57 -6.36 -3.64 5.31
N LYS A 58 -6.59 -4.37 6.39
CA LYS A 58 -5.90 -5.62 6.61
C LYS A 58 -6.69 -6.75 5.94
N TYR A 59 -6.04 -7.41 4.99
CA TYR A 59 -6.67 -8.51 4.28
C TYR A 59 -6.67 -9.79 5.13
N GLY A 60 -5.54 -10.06 5.74
CA GLY A 60 -5.40 -11.24 6.57
C GLY A 60 -4.77 -10.88 7.93
N CYS A 1 -3.26 -13.34 5.56
CA CYS A 1 -3.68 -13.99 4.33
C CYS A 1 -2.44 -14.34 3.50
N GLY A 2 -1.75 -13.30 3.06
CA GLY A 2 -0.55 -13.49 2.26
C GLY A 2 0.66 -12.84 2.94
N ALA A 3 0.62 -12.82 4.27
CA ALA A 3 1.70 -12.23 5.04
C ALA A 3 1.90 -10.78 4.60
N GLU A 4 1.53 -9.87 5.48
CA GLU A 4 1.66 -8.45 5.20
C GLU A 4 0.90 -8.08 3.92
N TYR A 5 -0.43 -8.15 4.02
CA TYR A 5 -1.27 -7.84 2.88
C TYR A 5 -2.28 -6.76 3.24
N VAL A 6 -2.13 -5.61 2.59
CA VAL A 6 -3.02 -4.48 2.83
C VAL A 6 -3.85 -4.22 1.57
N ARG A 7 -5.16 -4.07 1.79
CA ARG A 7 -6.06 -3.82 0.68
C ARG A 7 -6.43 -2.33 0.63
N ALA A 8 -6.55 -1.83 -0.59
CA ALA A 8 -6.89 -0.44 -0.81
C ALA A 8 -8.34 -0.33 -1.26
N LEU A 9 -9.17 0.18 -0.37
CA LEU A 9 -10.59 0.34 -0.67
C LEU A 9 -10.81 1.70 -1.35
N PHE A 10 -9.87 2.60 -1.12
CA PHE A 10 -9.95 3.93 -1.70
C PHE A 10 -8.89 4.11 -2.80
N ASP A 11 -9.27 4.89 -3.80
CA ASP A 11 -8.37 5.16 -4.92
C ASP A 11 -7.73 6.54 -4.73
N PHE A 12 -6.57 6.70 -5.36
CA PHE A 12 -5.85 7.96 -5.28
C PHE A 12 -5.05 8.22 -6.55
N ASN A 13 -4.42 7.17 -7.05
CA ASN A 13 -3.63 7.27 -8.25
C ASN A 13 -2.53 8.31 -8.06
N GLY A 14 -1.61 8.35 -9.00
CA GLY A 14 -0.50 9.28 -8.94
C GLY A 14 0.39 9.17 -10.18
N ASN A 15 1.47 9.95 -10.17
CA ASN A 15 2.40 9.94 -11.28
C ASN A 15 3.76 10.46 -10.80
N ASP A 16 4.29 9.78 -9.79
CA ASP A 16 5.58 10.16 -9.23
C ASP A 16 6.54 8.98 -9.35
N GLU A 17 7.82 9.28 -9.23
CA GLU A 17 8.86 8.27 -9.32
C GLU A 17 9.35 7.90 -7.92
N GLU A 18 8.43 7.45 -7.09
CA GLU A 18 8.76 7.07 -5.72
C GLU A 18 7.51 6.59 -4.99
N ASP A 19 6.43 7.34 -5.17
CA ASP A 19 5.17 7.01 -4.54
C ASP A 19 4.54 5.80 -5.25
N LEU A 20 3.49 5.28 -4.64
CA LEU A 20 2.80 4.13 -5.19
C LEU A 20 1.29 4.39 -5.19
N PRO A 21 0.73 4.57 -6.41
CA PRO A 21 -0.70 4.82 -6.56
C PRO A 21 -1.51 3.55 -6.32
N PHE A 22 -2.82 3.71 -6.32
CA PHE A 22 -3.72 2.59 -6.11
C PHE A 22 -5.16 2.99 -6.41
N LYS A 23 -6.04 1.98 -6.37
CA LYS A 23 -7.44 2.21 -6.64
C LYS A 23 -8.28 1.65 -5.49
N LYS A 24 -9.57 1.51 -5.74
CA LYS A 24 -10.48 0.98 -4.74
C LYS A 24 -10.69 -0.52 -4.98
N GLY A 25 -9.96 -1.31 -4.21
CA GLY A 25 -10.06 -2.76 -4.32
C GLY A 25 -8.73 -3.36 -4.79
N ASP A 26 -7.65 -2.69 -4.43
CA ASP A 26 -6.33 -3.14 -4.80
C ASP A 26 -5.66 -3.81 -3.59
N ILE A 27 -4.57 -4.50 -3.87
CA ILE A 27 -3.83 -5.18 -2.82
C ILE A 27 -2.38 -4.69 -2.82
N LEU A 28 -1.80 -4.64 -1.62
CA LEU A 28 -0.43 -4.19 -1.48
C LEU A 28 0.24 -4.99 -0.36
N ARG A 29 1.40 -5.56 -0.68
CA ARG A 29 2.16 -6.34 0.28
C ARG A 29 3.07 -5.44 1.10
N ILE A 30 2.96 -5.57 2.41
CA ILE A 30 3.77 -4.78 3.32
C ILE A 30 5.12 -5.46 3.52
N ARG A 31 6.18 -4.67 3.37
CA ARG A 31 7.53 -5.19 3.54
C ARG A 31 8.30 -4.34 4.53
N ASP A 32 8.20 -3.03 4.34
CA ASP A 32 8.89 -2.10 5.22
C ASP A 32 7.87 -1.13 5.83
N LYS A 33 8.29 -0.50 6.91
CA LYS A 33 7.43 0.45 7.60
C LYS A 33 8.27 1.30 8.57
N PRO A 34 9.21 2.09 7.97
CA PRO A 34 10.07 2.93 8.77
C PRO A 34 9.32 4.16 9.29
N GLU A 35 8.63 4.82 8.37
CA GLU A 35 7.85 6.00 8.73
C GLU A 35 6.70 5.62 9.66
N GLU A 36 6.10 6.65 10.23
CA GLU A 36 4.99 6.44 11.15
C GLU A 36 3.69 6.96 10.53
N GLN A 37 3.54 6.68 9.24
CA GLN A 37 2.35 7.10 8.52
C GLN A 37 2.18 6.26 7.25
N TRP A 38 3.19 6.30 6.41
CA TRP A 38 3.16 5.55 5.16
C TRP A 38 4.02 4.29 5.35
N TRP A 39 3.57 3.22 4.72
CA TRP A 39 4.27 1.95 4.81
C TRP A 39 4.76 1.58 3.41
N ASN A 40 5.91 0.92 3.38
CA ASN A 40 6.50 0.51 2.11
C ASN A 40 5.95 -0.85 1.72
N ALA A 41 4.97 -0.84 0.81
CA ALA A 41 4.35 -2.06 0.36
C ALA A 41 4.54 -2.19 -1.16
N GLU A 42 4.23 -3.37 -1.66
CA GLU A 42 4.36 -3.63 -3.09
C GLU A 42 2.99 -3.85 -3.72
N ASP A 43 2.70 -3.06 -4.73
CA ASP A 43 1.42 -3.17 -5.43
C ASP A 43 1.42 -4.42 -6.30
N SER A 44 0.42 -4.51 -7.17
CA SER A 44 0.30 -5.64 -8.06
C SER A 44 1.21 -5.46 -9.27
N GLU A 45 2.50 -5.30 -8.99
CA GLU A 45 3.48 -5.12 -10.03
C GLU A 45 4.91 -5.10 -9.44
N GLY A 46 5.00 -5.59 -8.22
CA GLY A 46 6.28 -5.63 -7.53
C GLY A 46 6.81 -4.22 -7.28
N LYS A 47 5.92 -3.25 -7.38
CA LYS A 47 6.28 -1.87 -7.17
C LYS A 47 6.20 -1.54 -5.68
N ARG A 48 7.37 -1.50 -5.06
CA ARG A 48 7.45 -1.20 -3.63
C ARG A 48 7.54 0.30 -3.40
N GLY A 49 6.56 0.83 -2.68
CA GLY A 49 6.53 2.25 -2.39
C GLY A 49 5.79 2.52 -1.07
N MET A 50 5.85 3.77 -0.65
CA MET A 50 5.19 4.17 0.59
C MET A 50 3.74 4.55 0.34
N ILE A 51 2.85 3.60 0.65
CA ILE A 51 1.43 3.82 0.46
C ILE A 51 0.80 4.20 1.81
N PRO A 52 -0.41 4.82 1.72
CA PRO A 52 -1.12 5.24 2.92
C PRO A 52 -1.75 4.03 3.62
N VAL A 53 -1.59 4.00 4.93
CA VAL A 53 -2.14 2.91 5.74
C VAL A 53 -3.63 3.16 5.97
N PRO A 54 -3.99 4.47 6.01
CA PRO A 54 -5.39 4.86 6.22
C PRO A 54 -6.22 4.64 4.96
N TYR A 55 -5.52 4.58 3.83
CA TYR A 55 -6.19 4.38 2.56
C TYR A 55 -6.20 2.89 2.18
N VAL A 56 -5.92 2.06 3.18
CA VAL A 56 -5.89 0.61 2.97
C VAL A 56 -6.45 -0.08 4.20
N GLU A 57 -6.64 -1.39 4.08
CA GLU A 57 -7.16 -2.19 5.16
C GLU A 57 -6.30 -3.44 5.37
N LYS A 58 -6.56 -4.12 6.47
CA LYS A 58 -5.83 -5.34 6.79
C LYS A 58 -6.53 -6.54 6.15
N TYR A 59 -5.75 -7.31 5.42
CA TYR A 59 -6.28 -8.49 4.75
C TYR A 59 -5.96 -9.76 5.53
N GLY A 60 -4.67 -9.98 5.75
CA GLY A 60 -4.22 -11.15 6.49
C GLY A 60 -3.09 -11.86 5.74
N CYS A 1 -4.73 -12.08 9.05
CA CYS A 1 -3.90 -13.27 8.97
C CYS A 1 -3.55 -13.51 7.50
N GLY A 2 -2.26 -13.71 7.25
CA GLY A 2 -1.79 -13.95 5.90
C GLY A 2 -0.27 -13.77 5.80
N ALA A 3 0.13 -12.68 5.16
CA ALA A 3 1.54 -12.38 5.00
C ALA A 3 1.70 -10.95 4.48
N GLU A 4 1.55 -10.00 5.40
CA GLU A 4 1.67 -8.60 5.05
C GLU A 4 0.87 -8.30 3.78
N TYR A 5 -0.44 -8.24 3.94
CA TYR A 5 -1.32 -7.96 2.82
C TYR A 5 -2.33 -6.84 3.17
N VAL A 6 -2.00 -5.65 2.71
CA VAL A 6 -2.85 -4.50 2.96
C VAL A 6 -3.68 -4.19 1.71
N ARG A 7 -4.98 -4.03 1.92
CA ARG A 7 -5.88 -3.74 0.81
C ARG A 7 -6.15 -2.23 0.74
N ALA A 8 -6.44 -1.77 -0.47
CA ALA A 8 -6.72 -0.37 -0.69
C ALA A 8 -8.12 -0.21 -1.28
N LEU A 9 -9.03 0.26 -0.44
CA LEU A 9 -10.41 0.45 -0.87
C LEU A 9 -10.58 1.87 -1.39
N PHE A 10 -9.69 2.75 -0.94
CA PHE A 10 -9.73 4.14 -1.36
C PHE A 10 -8.98 4.34 -2.68
N ASP A 11 -9.27 5.46 -3.33
CA ASP A 11 -8.64 5.78 -4.60
C ASP A 11 -7.79 7.04 -4.43
N PHE A 12 -6.65 7.03 -5.10
CA PHE A 12 -5.74 8.16 -5.04
C PHE A 12 -4.63 8.03 -6.07
N ASN A 13 -4.96 7.36 -7.17
CA ASN A 13 -4.00 7.17 -8.25
C ASN A 13 -3.32 8.49 -8.57
N GLY A 14 -2.27 8.40 -9.38
CA GLY A 14 -1.52 9.59 -9.77
C GLY A 14 -0.17 9.20 -10.38
N ASN A 15 0.85 9.27 -9.53
CA ASN A 15 2.20 8.93 -9.97
C ASN A 15 3.15 9.03 -8.78
N ASP A 16 3.13 10.18 -8.13
CA ASP A 16 3.98 10.41 -6.98
C ASP A 16 5.41 9.94 -7.30
N GLU A 17 6.24 9.93 -6.27
CA GLU A 17 7.62 9.51 -6.43
C GLU A 17 7.94 8.38 -5.44
N GLU A 18 7.32 8.46 -4.28
CA GLU A 18 7.54 7.46 -3.25
C GLU A 18 6.20 6.97 -2.70
N ASP A 19 5.20 6.96 -3.57
CA ASP A 19 3.87 6.53 -3.19
C ASP A 19 3.39 5.47 -4.18
N LEU A 20 2.20 4.93 -3.90
CA LEU A 20 1.62 3.91 -4.76
C LEU A 20 0.18 4.31 -5.09
N PRO A 21 -0.05 4.61 -6.40
CA PRO A 21 -1.36 4.99 -6.87
C PRO A 21 -2.30 3.78 -6.95
N PHE A 22 -3.45 3.93 -6.29
CA PHE A 22 -4.43 2.85 -6.28
C PHE A 22 -5.82 3.37 -6.67
N LYS A 23 -6.77 2.46 -6.67
CA LYS A 23 -8.14 2.81 -7.02
C LYS A 23 -9.07 2.47 -5.86
N LYS A 24 -9.44 1.20 -5.80
CA LYS A 24 -10.32 0.72 -4.75
C LYS A 24 -10.50 -0.79 -4.87
N GLY A 25 -9.89 -1.50 -3.94
CA GLY A 25 -9.96 -2.95 -3.93
C GLY A 25 -8.65 -3.57 -4.40
N ASP A 26 -7.61 -2.74 -4.40
CA ASP A 26 -6.30 -3.19 -4.82
C ASP A 26 -5.55 -3.77 -3.62
N ILE A 27 -4.76 -4.80 -3.90
CA ILE A 27 -3.99 -5.46 -2.85
C ILE A 27 -2.58 -4.88 -2.84
N LEU A 28 -1.98 -4.89 -1.65
CA LEU A 28 -0.63 -4.37 -1.49
C LEU A 28 0.10 -5.19 -0.42
N ARG A 29 1.33 -5.57 -0.75
CA ARG A 29 2.13 -6.35 0.17
C ARG A 29 2.96 -5.43 1.07
N ILE A 30 2.87 -5.68 2.37
CA ILE A 30 3.60 -4.88 3.34
C ILE A 30 5.02 -5.44 3.48
N ARG A 31 5.99 -4.57 3.27
CA ARG A 31 7.39 -4.95 3.37
C ARG A 31 8.10 -4.13 4.45
N ASP A 32 8.15 -2.83 4.22
CA ASP A 32 8.78 -1.92 5.16
C ASP A 32 7.71 -1.05 5.82
N LYS A 33 8.05 -0.54 7.00
CA LYS A 33 7.13 0.32 7.74
C LYS A 33 7.93 1.18 8.72
N PRO A 34 8.81 2.04 8.14
CA PRO A 34 9.63 2.92 8.96
C PRO A 34 8.80 4.08 9.52
N GLU A 35 8.21 4.85 8.61
CA GLU A 35 7.40 5.99 8.99
C GLU A 35 6.20 5.52 9.81
N GLU A 36 5.54 6.48 10.44
CA GLU A 36 4.38 6.19 11.26
C GLU A 36 3.09 6.64 10.55
N GLN A 37 3.02 6.31 9.27
CA GLN A 37 1.86 6.67 8.47
C GLN A 37 1.87 5.91 7.15
N TRP A 38 2.94 6.12 6.38
CA TRP A 38 3.07 5.46 5.10
C TRP A 38 4.06 4.31 5.26
N TRP A 39 3.70 3.16 4.69
CA TRP A 39 4.55 1.98 4.77
C TRP A 39 4.96 1.61 3.35
N ASN A 40 6.13 0.99 3.26
CA ASN A 40 6.65 0.57 1.97
C ASN A 40 6.09 -0.81 1.62
N ALA A 41 5.12 -0.80 0.72
CA ALA A 41 4.49 -2.04 0.29
C ALA A 41 4.82 -2.28 -1.18
N GLU A 42 4.30 -3.39 -1.69
CA GLU A 42 4.53 -3.75 -3.08
C GLU A 42 3.20 -3.98 -3.80
N ASP A 43 3.04 -3.28 -4.91
CA ASP A 43 1.83 -3.38 -5.70
C ASP A 43 1.84 -4.71 -6.46
N SER A 44 0.97 -4.78 -7.46
CA SER A 44 0.87 -5.99 -8.27
C SER A 44 1.83 -5.90 -9.47
N GLU A 45 3.06 -5.51 -9.15
CA GLU A 45 4.08 -5.37 -10.18
C GLU A 45 5.45 -5.16 -9.54
N GLY A 46 5.57 -5.63 -8.31
CA GLY A 46 6.83 -5.49 -7.57
C GLY A 46 7.17 -4.02 -7.36
N LYS A 47 6.15 -3.18 -7.46
CA LYS A 47 6.35 -1.75 -7.28
C LYS A 47 6.37 -1.42 -5.79
N ARG A 48 7.57 -1.18 -5.28
CA ARG A 48 7.75 -0.86 -3.88
C ARG A 48 7.62 0.65 -3.66
N GLY A 49 6.61 1.02 -2.89
CA GLY A 49 6.38 2.43 -2.59
C GLY A 49 5.70 2.59 -1.23
N MET A 50 5.57 3.84 -0.82
CA MET A 50 4.93 4.16 0.45
C MET A 50 3.41 4.27 0.28
N ILE A 51 2.73 3.22 0.74
CA ILE A 51 1.28 3.19 0.64
C ILE A 51 0.69 3.69 1.97
N PRO A 52 -0.48 4.38 1.85
CA PRO A 52 -1.15 4.92 3.02
C PRO A 52 -1.87 3.80 3.79
N VAL A 53 -1.68 3.83 5.10
CA VAL A 53 -2.30 2.83 5.96
C VAL A 53 -3.76 3.20 6.18
N PRO A 54 -4.04 4.53 6.17
CA PRO A 54 -5.39 5.02 6.37
C PRO A 54 -6.24 4.81 5.12
N TYR A 55 -5.56 4.74 3.98
CA TYR A 55 -6.24 4.54 2.72
C TYR A 55 -6.23 3.07 2.32
N VAL A 56 -5.93 2.23 3.30
CA VAL A 56 -5.89 0.80 3.07
C VAL A 56 -6.50 0.07 4.26
N GLU A 57 -6.64 -1.24 4.12
CA GLU A 57 -7.20 -2.06 5.18
C GLU A 57 -6.36 -3.32 5.38
N LYS A 58 -6.70 -4.05 6.43
CA LYS A 58 -6.00 -5.29 6.74
C LYS A 58 -6.75 -6.48 6.15
N TYR A 59 -6.11 -7.12 5.18
CA TYR A 59 -6.72 -8.27 4.52
C TYR A 59 -7.00 -9.39 5.53
N GLY A 60 -6.03 -9.64 6.38
CA GLY A 60 -6.17 -10.68 7.39
C GLY A 60 -4.81 -11.01 8.02
N CYS A 1 -4.81 -13.44 6.19
CA CYS A 1 -4.48 -14.85 6.26
C CYS A 1 -3.11 -15.05 5.61
N GLY A 2 -2.93 -14.43 4.46
CA GLY A 2 -1.68 -14.53 3.72
C GLY A 2 -0.51 -14.11 4.60
N ALA A 3 0.13 -13.01 4.20
CA ALA A 3 1.27 -12.50 4.93
C ALA A 3 1.54 -11.05 4.52
N GLU A 4 1.54 -10.18 5.52
CA GLU A 4 1.78 -8.77 5.26
C GLU A 4 1.07 -8.33 3.97
N TYR A 5 -0.24 -8.20 4.08
CA TYR A 5 -1.04 -7.78 2.93
C TYR A 5 -2.08 -6.72 3.33
N VAL A 6 -2.27 -5.77 2.44
CA VAL A 6 -3.22 -4.70 2.69
C VAL A 6 -4.09 -4.49 1.44
N ARG A 7 -5.25 -3.91 1.66
CA ARG A 7 -6.18 -3.65 0.57
C ARG A 7 -6.60 -2.18 0.57
N ALA A 8 -6.44 -1.55 -0.59
CA ALA A 8 -6.80 -0.15 -0.74
C ALA A 8 -8.26 -0.04 -1.14
N LEU A 9 -9.07 0.39 -0.20
CA LEU A 9 -10.50 0.53 -0.45
C LEU A 9 -10.77 1.92 -1.02
N PHE A 10 -9.71 2.72 -1.08
CA PHE A 10 -9.82 4.08 -1.60
C PHE A 10 -8.85 4.30 -2.76
N ASP A 11 -9.22 5.20 -3.65
CA ASP A 11 -8.39 5.50 -4.80
C ASP A 11 -7.67 6.83 -4.56
N PHE A 12 -6.56 6.99 -5.27
CA PHE A 12 -5.77 8.20 -5.15
C PHE A 12 -4.56 8.16 -6.07
N ASN A 13 -4.77 7.59 -7.24
CA ASN A 13 -3.71 7.47 -8.23
C ASN A 13 -2.91 8.78 -8.26
N GLY A 14 -1.70 8.72 -7.73
CA GLY A 14 -0.84 9.89 -7.69
C GLY A 14 0.09 9.93 -8.91
N ASN A 15 1.38 10.00 -8.63
CA ASN A 15 2.37 10.04 -9.69
C ASN A 15 3.77 10.00 -9.07
N ASP A 16 3.99 10.90 -8.12
CA ASP A 16 5.28 10.97 -7.44
C ASP A 16 5.79 9.55 -7.18
N GLU A 17 7.11 9.45 -7.07
CA GLU A 17 7.74 8.16 -6.83
C GLU A 17 7.63 7.80 -5.34
N GLU A 18 7.41 8.82 -4.53
CA GLU A 18 7.29 8.63 -3.09
C GLU A 18 6.05 7.76 -2.78
N ASP A 19 4.99 8.03 -3.53
CA ASP A 19 3.75 7.29 -3.33
C ASP A 19 3.36 6.62 -4.65
N LEU A 20 2.63 5.51 -4.53
CA LEU A 20 2.18 4.78 -5.70
C LEU A 20 0.68 4.98 -5.87
N PRO A 21 0.26 5.08 -7.17
CA PRO A 21 -1.14 5.27 -7.49
C PRO A 21 -1.94 3.98 -7.30
N PHE A 22 -3.08 4.11 -6.64
CA PHE A 22 -3.93 2.97 -6.39
C PHE A 22 -5.41 3.34 -6.55
N LYS A 23 -6.27 2.33 -6.43
CA LYS A 23 -7.69 2.54 -6.55
C LYS A 23 -8.40 1.93 -5.34
N LYS A 24 -9.70 1.76 -5.47
CA LYS A 24 -10.51 1.19 -4.40
C LYS A 24 -10.68 -0.31 -4.66
N GLY A 25 -9.83 -1.10 -4.02
CA GLY A 25 -9.89 -2.55 -4.16
C GLY A 25 -8.56 -3.10 -4.67
N ASP A 26 -7.49 -2.40 -4.32
CA ASP A 26 -6.16 -2.80 -4.73
C ASP A 26 -5.50 -3.58 -3.60
N ILE A 27 -4.49 -4.36 -3.97
CA ILE A 27 -3.76 -5.16 -3.00
C ILE A 27 -2.31 -4.67 -2.91
N LEU A 28 -1.75 -4.77 -1.72
CA LEU A 28 -0.39 -4.34 -1.49
C LEU A 28 0.25 -5.20 -0.39
N ARG A 29 1.50 -5.58 -0.62
CA ARG A 29 2.22 -6.39 0.33
C ARG A 29 3.06 -5.52 1.26
N ILE A 30 2.98 -5.82 2.55
CA ILE A 30 3.73 -5.07 3.55
C ILE A 30 5.15 -5.63 3.64
N ARG A 31 6.11 -4.78 3.33
CA ARG A 31 7.52 -5.18 3.38
C ARG A 31 8.23 -4.43 4.51
N ASP A 32 8.08 -3.12 4.49
CA ASP A 32 8.71 -2.29 5.50
C ASP A 32 7.74 -1.20 5.94
N LYS A 33 8.10 -0.52 7.02
CA LYS A 33 7.27 0.55 7.55
C LYS A 33 8.16 1.60 8.21
N PRO A 34 8.65 2.55 7.37
CA PRO A 34 9.51 3.62 7.86
C PRO A 34 8.70 4.67 8.63
N GLU A 35 7.45 4.82 8.22
CA GLU A 35 6.56 5.78 8.85
C GLU A 35 5.25 5.11 9.24
N GLU A 36 4.60 5.68 10.25
CA GLU A 36 3.34 5.14 10.73
C GLU A 36 2.20 5.57 9.80
N GLN A 37 2.44 6.66 9.09
CA GLN A 37 1.45 7.17 8.16
C GLN A 37 1.42 6.33 6.88
N TRP A 38 2.58 6.23 6.25
CA TRP A 38 2.69 5.45 5.02
C TRP A 38 3.54 4.22 5.33
N TRP A 39 3.36 3.19 4.52
CA TRP A 39 4.11 1.95 4.69
C TRP A 39 4.67 1.55 3.32
N ASN A 40 5.83 0.91 3.36
CA ASN A 40 6.48 0.46 2.14
C ASN A 40 5.95 -0.92 1.76
N ALA A 41 5.01 -0.93 0.83
CA ALA A 41 4.42 -2.17 0.37
C ALA A 41 4.68 -2.34 -1.13
N GLU A 42 4.27 -3.48 -1.65
CA GLU A 42 4.46 -3.77 -3.06
C GLU A 42 3.11 -3.96 -3.74
N ASP A 43 2.86 -3.09 -4.72
CA ASP A 43 1.61 -3.15 -5.46
C ASP A 43 1.57 -4.43 -6.28
N SER A 44 0.53 -4.54 -7.09
CA SER A 44 0.35 -5.72 -7.94
C SER A 44 1.26 -5.61 -9.17
N GLU A 45 2.54 -5.38 -8.90
CA GLU A 45 3.51 -5.27 -9.97
C GLU A 45 4.93 -5.21 -9.40
N GLY A 46 5.03 -5.50 -8.11
CA GLY A 46 6.31 -5.48 -7.43
C GLY A 46 6.79 -4.05 -7.20
N LYS A 47 5.84 -3.12 -7.30
CA LYS A 47 6.16 -1.71 -7.11
C LYS A 47 6.25 -1.41 -5.61
N ARG A 48 7.48 -1.28 -5.14
CA ARG A 48 7.72 -0.99 -3.74
C ARG A 48 7.70 0.51 -3.49
N GLY A 49 6.69 0.95 -2.76
CA GLY A 49 6.55 2.37 -2.44
C GLY A 49 5.81 2.57 -1.12
N MET A 50 5.78 3.83 -0.68
CA MET A 50 5.11 4.16 0.56
C MET A 50 3.62 4.44 0.33
N ILE A 51 2.81 3.42 0.58
CA ILE A 51 1.38 3.53 0.41
C ILE A 51 0.74 4.00 1.73
N PRO A 52 -0.47 4.59 1.60
CA PRO A 52 -1.19 5.08 2.76
C PRO A 52 -1.80 3.92 3.55
N VAL A 53 -1.66 4.01 4.87
CA VAL A 53 -2.20 2.98 5.74
C VAL A 53 -3.69 3.23 5.97
N PRO A 54 -4.07 4.54 5.95
CA PRO A 54 -5.45 4.92 6.14
C PRO A 54 -6.29 4.63 4.90
N TYR A 55 -5.62 4.64 3.75
CA TYR A 55 -6.29 4.37 2.50
C TYR A 55 -6.22 2.88 2.15
N VAL A 56 -5.89 2.09 3.15
CA VAL A 56 -5.80 0.65 2.98
C VAL A 56 -6.29 -0.05 4.24
N GLU A 57 -6.50 -1.36 4.10
CA GLU A 57 -6.98 -2.15 5.23
C GLU A 57 -6.05 -3.34 5.46
N LYS A 58 -6.26 -3.99 6.60
CA LYS A 58 -5.44 -5.15 6.95
C LYS A 58 -6.11 -6.42 6.40
N TYR A 59 -5.30 -7.21 5.72
CA TYR A 59 -5.79 -8.45 5.13
C TYR A 59 -6.30 -9.40 6.22
N GLY A 60 -6.18 -10.69 5.93
CA GLY A 60 -6.62 -11.70 6.88
C GLY A 60 -5.47 -12.63 7.26
N CYS A 1 -4.23 -11.29 7.77
CA CYS A 1 -3.88 -11.13 9.17
C CYS A 1 -2.50 -11.75 9.40
N GLY A 2 -2.43 -13.06 9.21
CA GLY A 2 -1.17 -13.77 9.38
C GLY A 2 -0.25 -13.57 8.18
N ALA A 3 0.04 -12.30 7.91
CA ALA A 3 0.90 -11.97 6.79
C ALA A 3 1.03 -10.44 6.71
N GLU A 4 1.41 -9.97 5.53
CA GLU A 4 1.59 -8.55 5.31
C GLU A 4 0.87 -8.12 4.02
N TYR A 5 -0.45 -8.25 4.05
CA TYR A 5 -1.26 -7.88 2.90
C TYR A 5 -2.40 -6.96 3.32
N VAL A 6 -2.56 -5.88 2.56
CA VAL A 6 -3.61 -4.91 2.82
C VAL A 6 -4.41 -4.66 1.56
N ARG A 7 -5.57 -4.06 1.73
CA ARG A 7 -6.45 -3.77 0.62
C ARG A 7 -6.76 -2.27 0.57
N ALA A 8 -6.50 -1.68 -0.59
CA ALA A 8 -6.75 -0.25 -0.78
C ALA A 8 -8.18 -0.06 -1.29
N LEU A 9 -9.04 0.38 -0.38
CA LEU A 9 -10.44 0.61 -0.72
C LEU A 9 -10.60 2.04 -1.25
N PHE A 10 -9.46 2.67 -1.52
CA PHE A 10 -9.46 4.02 -2.03
C PHE A 10 -8.29 4.26 -3.01
N ASP A 11 -8.48 5.22 -3.90
CA ASP A 11 -7.47 5.54 -4.88
C ASP A 11 -6.73 6.82 -4.44
N PHE A 12 -5.43 6.79 -4.65
CA PHE A 12 -4.60 7.94 -4.29
C PHE A 12 -3.12 7.57 -4.30
N ASN A 13 -2.55 7.59 -5.49
CA ASN A 13 -1.14 7.26 -5.66
C ASN A 13 -0.34 7.86 -4.50
N GLY A 14 0.80 7.23 -4.22
CA GLY A 14 1.65 7.70 -3.14
C GLY A 14 2.41 8.97 -3.54
N ASN A 15 3.52 9.19 -2.87
CA ASN A 15 4.34 10.36 -3.15
C ASN A 15 5.36 10.54 -2.03
N ASP A 16 6.39 9.72 -2.07
CA ASP A 16 7.45 9.77 -1.06
C ASP A 16 8.71 9.10 -1.61
N GLU A 17 8.72 7.78 -1.52
CA GLU A 17 9.85 7.01 -2.00
C GLU A 17 9.45 6.15 -3.20
N GLU A 18 9.28 6.82 -4.33
CA GLU A 18 8.89 6.14 -5.55
C GLU A 18 7.39 6.28 -5.78
N ASP A 19 6.66 6.40 -4.68
CA ASP A 19 5.21 6.52 -4.75
C ASP A 19 4.62 5.29 -5.42
N LEU A 20 3.54 4.80 -4.84
CA LEU A 20 2.87 3.63 -5.38
C LEU A 20 1.43 4.00 -5.79
N PRO A 21 1.19 3.98 -7.13
CA PRO A 21 -0.11 4.31 -7.66
C PRO A 21 -1.10 3.17 -7.42
N PHE A 22 -2.13 3.48 -6.65
CA PHE A 22 -3.17 2.50 -6.34
C PHE A 22 -4.56 3.07 -6.58
N LYS A 23 -5.55 2.20 -6.43
CA LYS A 23 -6.93 2.61 -6.62
C LYS A 23 -7.79 2.04 -5.49
N LYS A 24 -9.08 1.89 -5.78
CA LYS A 24 -10.01 1.37 -4.79
C LYS A 24 -10.26 -0.11 -5.09
N GLY A 25 -9.69 -0.96 -4.25
CA GLY A 25 -9.85 -2.39 -4.40
C GLY A 25 -8.55 -3.04 -4.87
N ASP A 26 -7.44 -2.40 -4.51
CA ASP A 26 -6.14 -2.90 -4.88
C ASP A 26 -5.51 -3.62 -3.69
N ILE A 27 -4.50 -4.44 -3.99
CA ILE A 27 -3.81 -5.19 -2.95
C ILE A 27 -2.37 -4.69 -2.85
N LEU A 28 -1.88 -4.63 -1.62
CA LEU A 28 -0.52 -4.18 -1.36
C LEU A 28 0.09 -5.01 -0.23
N ARG A 29 1.32 -5.43 -0.45
CA ARG A 29 2.02 -6.22 0.55
C ARG A 29 2.94 -5.34 1.39
N ILE A 30 2.89 -5.56 2.69
CA ILE A 30 3.70 -4.80 3.62
C ILE A 30 5.11 -5.40 3.68
N ARG A 31 6.08 -4.58 3.30
CA ARG A 31 7.47 -5.02 3.30
C ARG A 31 8.25 -4.29 4.41
N ASP A 32 8.26 -2.97 4.31
CA ASP A 32 8.96 -2.17 5.30
C ASP A 32 8.02 -1.08 5.82
N LYS A 33 8.42 -0.49 6.94
CA LYS A 33 7.62 0.56 7.55
C LYS A 33 8.55 1.65 8.08
N PRO A 34 9.07 2.48 7.13
CA PRO A 34 9.98 3.56 7.49
C PRO A 34 9.20 4.72 8.12
N GLU A 35 7.96 4.88 7.70
CA GLU A 35 7.12 5.94 8.21
C GLU A 35 5.95 5.35 9.02
N GLU A 36 5.25 6.23 9.71
CA GLU A 36 4.11 5.82 10.52
C GLU A 36 2.81 6.01 9.74
N GLN A 37 2.84 6.97 8.84
CA GLN A 37 1.67 7.28 8.03
C GLN A 37 1.62 6.34 6.81
N TRP A 38 2.70 6.37 6.05
CA TRP A 38 2.79 5.54 4.85
C TRP A 38 3.84 4.47 5.11
N TRP A 39 3.59 3.29 4.54
CA TRP A 39 4.51 2.18 4.70
C TRP A 39 4.95 1.73 3.31
N ASN A 40 6.11 1.08 3.26
CA ASN A 40 6.66 0.60 2.01
C ASN A 40 6.09 -0.80 1.71
N ALA A 41 5.07 -0.81 0.87
CA ALA A 41 4.43 -2.06 0.49
C ALA A 41 4.68 -2.33 -0.99
N GLU A 42 4.21 -3.49 -1.44
CA GLU A 42 4.37 -3.88 -2.83
C GLU A 42 3.02 -3.91 -3.54
N ASP A 43 2.95 -3.22 -4.65
CA ASP A 43 1.73 -3.17 -5.43
C ASP A 43 1.64 -4.40 -6.34
N SER A 44 0.66 -4.37 -7.23
CA SER A 44 0.46 -5.47 -8.16
C SER A 44 1.46 -5.37 -9.31
N GLU A 45 2.73 -5.57 -8.98
CA GLU A 45 3.78 -5.51 -9.97
C GLU A 45 5.14 -5.70 -9.31
N GLY A 46 5.12 -5.80 -7.99
CA GLY A 46 6.34 -5.98 -7.22
C GLY A 46 7.06 -4.65 -7.02
N LYS A 47 6.30 -3.57 -7.13
CA LYS A 47 6.85 -2.25 -6.96
C LYS A 47 6.69 -1.82 -5.50
N ARG A 48 7.83 -1.58 -4.86
CA ARG A 48 7.83 -1.17 -3.46
C ARG A 48 7.77 0.36 -3.36
N GLY A 49 6.73 0.83 -2.68
CA GLY A 49 6.54 2.26 -2.50
C GLY A 49 5.81 2.56 -1.19
N MET A 50 5.84 3.83 -0.81
CA MET A 50 5.18 4.25 0.42
C MET A 50 3.71 4.59 0.17
N ILE A 51 2.86 3.67 0.59
CA ILE A 51 1.42 3.85 0.43
C ILE A 51 0.78 4.18 1.77
N PRO A 52 -0.43 4.78 1.71
CA PRO A 52 -1.15 5.14 2.92
C PRO A 52 -1.75 3.92 3.59
N VAL A 53 -1.52 3.81 4.89
CA VAL A 53 -2.03 2.70 5.67
C VAL A 53 -3.52 2.92 5.96
N PRO A 54 -3.88 4.22 6.14
CA PRO A 54 -5.26 4.58 6.43
C PRO A 54 -6.12 4.48 5.16
N TYR A 55 -5.44 4.34 4.04
CA TYR A 55 -6.13 4.23 2.75
C TYR A 55 -6.30 2.76 2.34
N VAL A 56 -5.91 1.87 3.24
CA VAL A 56 -6.01 0.45 2.99
C VAL A 56 -6.53 -0.25 4.25
N GLU A 57 -6.80 -1.54 4.09
CA GLU A 57 -7.31 -2.34 5.20
C GLU A 57 -6.47 -3.61 5.35
N LYS A 58 -6.78 -4.36 6.41
CA LYS A 58 -6.08 -5.59 6.67
C LYS A 58 -6.76 -6.74 5.91
N TYR A 59 -6.01 -7.34 5.00
CA TYR A 59 -6.51 -8.44 4.21
C TYR A 59 -7.04 -9.57 5.10
N GLY A 60 -6.28 -9.84 6.15
CA GLY A 60 -6.67 -10.88 7.09
C GLY A 60 -5.53 -11.88 7.28
N CYS A 1 -4.09 -10.97 10.24
CA CYS A 1 -3.18 -12.07 10.47
C CYS A 1 -3.05 -12.88 9.17
N GLY A 2 -1.87 -12.78 8.57
CA GLY A 2 -1.61 -13.49 7.33
C GLY A 2 -0.13 -13.37 6.93
N ALA A 3 0.12 -12.46 6.01
CA ALA A 3 1.47 -12.25 5.53
C ALA A 3 1.57 -10.85 4.90
N GLU A 4 1.82 -9.87 5.76
CA GLU A 4 1.94 -8.49 5.31
C GLU A 4 1.05 -8.26 4.09
N TYR A 5 -0.26 -8.30 4.32
CA TYR A 5 -1.22 -8.09 3.25
C TYR A 5 -2.15 -6.92 3.57
N VAL A 6 -2.28 -6.03 2.59
CA VAL A 6 -3.14 -4.87 2.75
C VAL A 6 -4.05 -4.73 1.52
N ARG A 7 -5.10 -3.95 1.69
CA ARG A 7 -6.04 -3.72 0.61
C ARG A 7 -6.43 -2.24 0.54
N ALA A 8 -6.43 -1.73 -0.69
CA ALA A 8 -6.77 -0.33 -0.90
C ALA A 8 -8.23 -0.23 -1.33
N LEU A 9 -9.05 0.30 -0.44
CA LEU A 9 -10.47 0.45 -0.71
C LEU A 9 -10.71 1.81 -1.38
N PHE A 10 -9.62 2.58 -1.49
CA PHE A 10 -9.70 3.89 -2.12
C PHE A 10 -8.57 4.09 -3.12
N ASP A 11 -8.82 4.96 -4.10
CA ASP A 11 -7.84 5.24 -5.12
C ASP A 11 -7.13 6.56 -4.79
N PHE A 12 -5.89 6.66 -5.27
CA PHE A 12 -5.10 7.85 -5.02
C PHE A 12 -3.69 7.71 -5.62
N ASN A 13 -3.66 7.50 -6.93
CA ASN A 13 -2.40 7.34 -7.64
C ASN A 13 -1.39 8.36 -7.09
N GLY A 14 -0.14 7.93 -7.04
CA GLY A 14 0.93 8.79 -6.54
C GLY A 14 1.54 9.61 -7.68
N ASN A 15 2.52 10.41 -7.32
CA ASN A 15 3.20 11.25 -8.29
C ASN A 15 4.20 12.16 -7.57
N ASP A 16 3.82 12.59 -6.37
CA ASP A 16 4.66 13.45 -5.58
C ASP A 16 6.11 12.97 -5.68
N GLU A 17 6.48 12.12 -4.73
CA GLU A 17 7.82 11.57 -4.70
C GLU A 17 8.01 10.70 -3.46
N GLU A 18 6.96 9.94 -3.14
CA GLU A 18 7.00 9.07 -1.98
C GLU A 18 5.61 8.50 -1.71
N ASP A 19 4.97 8.03 -2.78
CA ASP A 19 3.64 7.46 -2.66
C ASP A 19 3.41 6.49 -3.83
N LEU A 20 2.89 5.33 -3.48
CA LEU A 20 2.61 4.31 -4.49
C LEU A 20 1.19 4.50 -5.01
N PRO A 21 1.05 4.35 -6.35
CA PRO A 21 -0.25 4.50 -7.00
C PRO A 21 -1.13 3.28 -6.73
N PHE A 22 -2.39 3.55 -6.44
CA PHE A 22 -3.35 2.48 -6.17
C PHE A 22 -4.78 2.94 -6.46
N LYS A 23 -5.69 1.97 -6.44
CA LYS A 23 -7.09 2.26 -6.71
C LYS A 23 -7.94 1.73 -5.55
N LYS A 24 -9.23 1.63 -5.81
CA LYS A 24 -10.16 1.15 -4.79
C LYS A 24 -10.47 -0.33 -5.05
N GLY A 25 -9.85 -1.18 -4.25
CA GLY A 25 -10.05 -2.60 -4.38
C GLY A 25 -8.76 -3.30 -4.81
N ASP A 26 -7.65 -2.65 -4.52
CA ASP A 26 -6.34 -3.19 -4.86
C ASP A 26 -5.70 -3.80 -3.60
N ILE A 27 -4.60 -4.50 -3.83
CA ILE A 27 -3.89 -5.14 -2.73
C ILE A 27 -2.46 -4.61 -2.68
N LEU A 28 -1.94 -4.51 -1.47
CA LEU A 28 -0.59 -4.01 -1.27
C LEU A 28 0.10 -4.84 -0.18
N ARG A 29 1.25 -5.38 -0.52
CA ARG A 29 2.01 -6.19 0.42
C ARG A 29 2.95 -5.30 1.25
N ILE A 30 2.89 -5.50 2.56
CA ILE A 30 3.72 -4.73 3.46
C ILE A 30 5.11 -5.37 3.53
N ARG A 31 6.12 -4.54 3.28
CA ARG A 31 7.49 -5.00 3.31
C ARG A 31 8.29 -4.23 4.37
N ASP A 32 8.33 -2.92 4.19
CA ASP A 32 9.05 -2.06 5.12
C ASP A 32 8.05 -1.14 5.83
N LYS A 33 8.44 -0.70 7.02
CA LYS A 33 7.60 0.18 7.81
C LYS A 33 8.48 1.15 8.61
N PRO A 34 9.18 2.04 7.85
CA PRO A 34 10.06 3.01 8.47
C PRO A 34 9.26 4.14 9.12
N GLU A 35 8.13 4.45 8.50
CA GLU A 35 7.27 5.50 9.00
C GLU A 35 6.04 4.90 9.68
N GLU A 36 5.27 5.77 10.35
CA GLU A 36 4.08 5.33 11.04
C GLU A 36 2.83 5.66 10.21
N GLN A 37 2.94 6.72 9.44
CA GLN A 37 1.84 7.16 8.59
C GLN A 37 1.70 6.23 7.38
N TRP A 38 2.76 6.19 6.58
CA TRP A 38 2.77 5.35 5.40
C TRP A 38 3.82 4.27 5.60
N TRP A 39 3.69 3.20 4.82
CA TRP A 39 4.63 2.09 4.89
C TRP A 39 5.02 1.71 3.48
N ASN A 40 6.18 1.07 3.36
CA ASN A 40 6.67 0.64 2.07
C ASN A 40 6.12 -0.75 1.75
N ALA A 41 5.12 -0.76 0.88
CA ALA A 41 4.50 -2.02 0.49
C ALA A 41 4.67 -2.22 -1.02
N GLU A 42 4.11 -3.31 -1.51
CA GLU A 42 4.20 -3.63 -2.93
C GLU A 42 2.82 -3.59 -3.57
N ASP A 43 2.68 -2.69 -4.53
CA ASP A 43 1.41 -2.53 -5.23
C ASP A 43 1.21 -3.71 -6.17
N SER A 44 0.18 -3.60 -7.00
CA SER A 44 -0.14 -4.65 -7.96
C SER A 44 0.78 -4.53 -9.18
N GLU A 45 2.08 -4.57 -8.91
CA GLU A 45 3.07 -4.47 -9.97
C GLU A 45 4.47 -4.68 -9.41
N GLY A 46 4.53 -5.44 -8.32
CA GLY A 46 5.80 -5.73 -7.68
C GLY A 46 6.60 -4.46 -7.44
N LYS A 47 5.88 -3.34 -7.41
CA LYS A 47 6.51 -2.05 -7.18
C LYS A 47 6.50 -1.73 -5.69
N ARG A 48 7.69 -1.50 -5.15
CA ARG A 48 7.83 -1.19 -3.74
C ARG A 48 7.79 0.33 -3.54
N GLY A 49 6.76 0.77 -2.84
CA GLY A 49 6.59 2.18 -2.56
C GLY A 49 5.86 2.40 -1.24
N MET A 50 5.67 3.67 -0.90
CA MET A 50 4.98 4.03 0.33
C MET A 50 3.47 4.05 0.13
N ILE A 51 2.81 3.04 0.68
CA ILE A 51 1.37 2.93 0.57
C ILE A 51 0.72 3.49 1.85
N PRO A 52 -0.45 4.15 1.65
CA PRO A 52 -1.18 4.73 2.76
C PRO A 52 -1.89 3.64 3.58
N VAL A 53 -1.79 3.77 4.89
CA VAL A 53 -2.40 2.82 5.80
C VAL A 53 -3.89 3.17 5.96
N PRO A 54 -4.18 4.50 5.89
CA PRO A 54 -5.55 4.98 6.04
C PRO A 54 -6.35 4.71 4.77
N TYR A 55 -5.65 4.73 3.65
CA TYR A 55 -6.29 4.49 2.37
C TYR A 55 -6.25 3.00 2.00
N VAL A 56 -6.03 2.19 3.02
CA VAL A 56 -5.97 0.75 2.82
C VAL A 56 -6.47 0.04 4.08
N GLU A 57 -6.47 -1.28 4.01
CA GLU A 57 -6.91 -2.09 5.14
C GLU A 57 -6.01 -3.30 5.32
N LYS A 58 -6.15 -3.95 6.46
CA LYS A 58 -5.35 -5.12 6.77
C LYS A 58 -6.12 -6.37 6.37
N TYR A 59 -5.45 -7.24 5.62
CA TYR A 59 -6.06 -8.47 5.16
C TYR A 59 -5.93 -9.57 6.23
N GLY A 60 -4.72 -9.71 6.75
CA GLY A 60 -4.46 -10.72 7.76
C GLY A 60 -3.95 -10.06 9.05
N CYS A 1 -5.25 -13.53 6.41
CA CYS A 1 -4.69 -14.83 6.71
C CYS A 1 -3.36 -14.96 5.98
N GLY A 2 -3.36 -14.51 4.73
CA GLY A 2 -2.16 -14.57 3.90
C GLY A 2 -0.92 -14.30 4.74
N ALA A 3 -0.66 -13.02 4.96
CA ALA A 3 0.50 -12.60 5.73
C ALA A 3 0.54 -11.08 5.81
N GLU A 4 1.37 -10.49 4.95
CA GLU A 4 1.51 -9.05 4.90
C GLU A 4 0.80 -8.48 3.67
N TYR A 5 -0.49 -8.74 3.59
CA TYR A 5 -1.29 -8.27 2.48
C TYR A 5 -2.28 -7.19 2.93
N VAL A 6 -2.35 -6.13 2.14
CA VAL A 6 -3.25 -5.03 2.44
C VAL A 6 -4.15 -4.76 1.23
N ARG A 7 -5.29 -4.14 1.52
CA ARG A 7 -6.24 -3.82 0.47
C ARG A 7 -6.58 -2.33 0.51
N ALA A 8 -6.68 -1.74 -0.68
CA ALA A 8 -7.00 -0.34 -0.80
C ALA A 8 -8.47 -0.19 -1.22
N LEU A 9 -9.29 0.23 -0.26
CA LEU A 9 -10.71 0.41 -0.52
C LEU A 9 -10.94 1.83 -1.05
N PHE A 10 -9.86 2.57 -1.13
CA PHE A 10 -9.93 3.95 -1.62
C PHE A 10 -8.93 4.19 -2.73
N ASP A 11 -9.18 5.23 -3.51
CA ASP A 11 -8.31 5.58 -4.62
C ASP A 11 -7.63 6.92 -4.32
N PHE A 12 -6.39 7.02 -4.77
CA PHE A 12 -5.61 8.24 -4.56
C PHE A 12 -4.22 8.12 -5.17
N ASN A 13 -4.20 8.09 -6.50
CA ASN A 13 -2.94 7.99 -7.23
C ASN A 13 -1.88 8.84 -6.53
N GLY A 14 -0.65 8.35 -6.57
CA GLY A 14 0.46 9.05 -5.95
C GLY A 14 1.21 9.90 -6.98
N ASN A 15 2.30 9.33 -7.48
CA ASN A 15 3.13 10.02 -8.46
C ASN A 15 3.34 11.46 -8.02
N ASP A 16 3.26 11.67 -6.71
CA ASP A 16 3.44 13.00 -6.16
C ASP A 16 4.64 12.99 -5.21
N GLU A 17 4.51 12.20 -4.14
CA GLU A 17 5.57 12.09 -3.15
C GLU A 17 6.12 10.67 -3.12
N GLU A 18 6.80 10.31 -4.20
CA GLU A 18 7.38 8.98 -4.30
C GLU A 18 6.40 7.93 -3.80
N ASP A 19 5.12 8.28 -3.86
CA ASP A 19 4.06 7.38 -3.42
C ASP A 19 3.61 6.51 -4.59
N LEU A 20 2.87 5.47 -4.27
CA LEU A 20 2.36 4.56 -5.28
C LEU A 20 0.87 4.82 -5.49
N PRO A 21 0.48 4.92 -6.80
CA PRO A 21 -0.91 5.16 -7.15
C PRO A 21 -1.75 3.89 -6.95
N PHE A 22 -2.98 4.10 -6.50
CA PHE A 22 -3.89 2.99 -6.28
C PHE A 22 -5.34 3.43 -6.47
N LYS A 23 -6.23 2.44 -6.44
CA LYS A 23 -7.66 2.72 -6.60
C LYS A 23 -8.44 2.03 -5.48
N LYS A 24 -9.73 1.89 -5.71
CA LYS A 24 -10.59 1.25 -4.73
C LYS A 24 -10.73 -0.24 -5.06
N GLY A 25 -10.09 -1.06 -4.25
CA GLY A 25 -10.13 -2.50 -4.45
C GLY A 25 -8.75 -3.04 -4.85
N ASP A 26 -7.73 -2.27 -4.50
CA ASP A 26 -6.37 -2.66 -4.82
C ASP A 26 -5.76 -3.42 -3.64
N ILE A 27 -4.59 -4.00 -3.88
CA ILE A 27 -3.91 -4.75 -2.84
C ILE A 27 -2.44 -4.33 -2.80
N LEU A 28 -1.88 -4.39 -1.60
CA LEU A 28 -0.49 -4.01 -1.42
C LEU A 28 0.12 -4.85 -0.29
N ARG A 29 1.29 -5.41 -0.57
CA ARG A 29 1.98 -6.24 0.41
C ARG A 29 2.84 -5.37 1.32
N ILE A 30 2.82 -5.72 2.60
CA ILE A 30 3.60 -4.99 3.59
C ILE A 30 5.03 -5.51 3.60
N ARG A 31 5.95 -4.63 3.24
CA ARG A 31 7.36 -4.99 3.21
C ARG A 31 8.11 -4.33 4.36
N ASP A 32 8.03 -3.00 4.39
CA ASP A 32 8.70 -2.23 5.43
C ASP A 32 7.76 -1.13 5.91
N LYS A 33 8.07 -0.62 7.10
CA LYS A 33 7.26 0.44 7.69
C LYS A 33 8.18 1.42 8.42
N PRO A 34 8.73 2.38 7.64
CA PRO A 34 9.62 3.39 8.20
C PRO A 34 8.83 4.43 9.00
N GLU A 35 7.67 4.79 8.47
CA GLU A 35 6.82 5.77 9.11
C GLU A 35 5.55 5.11 9.65
N GLU A 36 4.72 5.91 10.29
CA GLU A 36 3.48 5.42 10.85
C GLU A 36 2.30 5.80 9.94
N GLN A 37 2.52 6.83 9.15
CA GLN A 37 1.50 7.30 8.23
C GLN A 37 1.51 6.47 6.94
N TRP A 38 2.67 6.48 6.29
CA TRP A 38 2.83 5.73 5.05
C TRP A 38 3.72 4.53 5.33
N TRP A 39 3.48 3.47 4.57
CA TRP A 39 4.25 2.25 4.73
C TRP A 39 4.73 1.80 3.35
N ASN A 40 5.86 1.12 3.34
CA ASN A 40 6.43 0.62 2.09
C ASN A 40 5.83 -0.74 1.77
N ALA A 41 4.84 -0.73 0.89
CA ALA A 41 4.18 -1.96 0.48
C ALA A 41 4.50 -2.24 -0.99
N GLU A 42 4.20 -3.47 -1.40
CA GLU A 42 4.45 -3.88 -2.77
C GLU A 42 3.13 -4.20 -3.48
N ASP A 43 2.88 -3.48 -4.56
CA ASP A 43 1.67 -3.68 -5.33
C ASP A 43 1.79 -4.97 -6.14
N SER A 44 0.80 -5.20 -6.99
CA SER A 44 0.78 -6.38 -7.83
C SER A 44 1.70 -6.18 -9.03
N GLU A 45 2.99 -6.02 -8.74
CA GLU A 45 3.97 -5.82 -9.79
C GLU A 45 5.38 -5.80 -9.19
N GLY A 46 5.45 -6.16 -7.92
CA GLY A 46 6.73 -6.19 -7.22
C GLY A 46 7.28 -4.78 -7.02
N LYS A 47 6.38 -3.81 -7.12
CA LYS A 47 6.75 -2.42 -6.96
C LYS A 47 6.52 -2.00 -5.50
N ARG A 48 7.62 -1.74 -4.80
CA ARG A 48 7.55 -1.34 -3.41
C ARG A 48 7.62 0.19 -3.30
N GLY A 49 6.61 0.74 -2.65
CA GLY A 49 6.55 2.19 -2.46
C GLY A 49 5.82 2.54 -1.16
N MET A 50 5.98 3.79 -0.75
CA MET A 50 5.35 4.27 0.47
C MET A 50 3.95 4.81 0.19
N ILE A 51 2.96 4.00 0.49
CA ILE A 51 1.58 4.39 0.28
C ILE A 51 0.91 4.64 1.63
N PRO A 52 -0.35 5.12 1.56
CA PRO A 52 -1.12 5.41 2.77
C PRO A 52 -1.62 4.12 3.41
N VAL A 53 -1.34 4.00 4.71
CA VAL A 53 -1.77 2.83 5.46
C VAL A 53 -3.25 2.95 5.80
N PRO A 54 -3.69 4.22 6.01
CA PRO A 54 -5.08 4.49 6.35
C PRO A 54 -5.98 4.35 5.12
N TYR A 55 -5.33 4.31 3.96
CA TYR A 55 -6.06 4.19 2.70
C TYR A 55 -6.16 2.72 2.28
N VAL A 56 -5.79 1.84 3.20
CA VAL A 56 -5.83 0.41 2.93
C VAL A 56 -6.27 -0.33 4.20
N GLU A 57 -6.64 -1.58 4.00
CA GLU A 57 -7.08 -2.41 5.13
C GLU A 57 -6.18 -3.64 5.25
N LYS A 58 -6.20 -4.23 6.43
CA LYS A 58 -5.40 -5.42 6.70
C LYS A 58 -6.18 -6.66 6.28
N TYR A 59 -5.50 -7.54 5.58
CA TYR A 59 -6.11 -8.77 5.11
C TYR A 59 -5.53 -9.98 5.84
N GLY A 60 -6.11 -10.29 7.00
CA GLY A 60 -5.66 -11.42 7.80
C GLY A 60 -6.21 -12.73 7.24
N CYS A 1 -3.87 -12.58 7.18
CA CYS A 1 -3.84 -13.07 8.54
C CYS A 1 -2.41 -13.55 8.85
N GLY A 2 -1.66 -12.68 9.50
CA GLY A 2 -0.29 -12.99 9.85
C GLY A 2 0.69 -12.42 8.83
N ALA A 3 0.40 -12.69 7.56
CA ALA A 3 1.24 -12.21 6.48
C ALA A 3 1.26 -10.68 6.50
N GLU A 4 1.43 -10.11 5.31
CA GLU A 4 1.48 -8.66 5.18
C GLU A 4 0.79 -8.23 3.89
N TYR A 5 -0.54 -8.33 3.90
CA TYR A 5 -1.33 -7.95 2.73
C TYR A 5 -2.44 -6.98 3.12
N VAL A 6 -2.48 -5.86 2.42
CA VAL A 6 -3.49 -4.85 2.67
C VAL A 6 -4.31 -4.61 1.40
N ARG A 7 -5.38 -3.85 1.56
CA ARG A 7 -6.25 -3.55 0.44
C ARG A 7 -6.60 -2.06 0.43
N ALA A 8 -6.37 -1.44 -0.72
CA ALA A 8 -6.66 -0.02 -0.88
C ALA A 8 -8.07 0.15 -1.44
N LEU A 9 -8.93 0.75 -0.64
CA LEU A 9 -10.31 0.99 -1.05
C LEU A 9 -10.43 2.39 -1.63
N PHE A 10 -9.47 3.23 -1.28
CA PHE A 10 -9.45 4.61 -1.76
C PHE A 10 -8.25 4.86 -2.69
N ASP A 11 -8.47 5.73 -3.65
CA ASP A 11 -7.43 6.07 -4.60
C ASP A 11 -6.61 7.24 -4.06
N PHE A 12 -5.29 7.14 -4.25
CA PHE A 12 -4.39 8.18 -3.79
C PHE A 12 -2.93 7.74 -3.94
N ASN A 13 -2.43 7.92 -5.16
CA ASN A 13 -1.06 7.54 -5.45
C ASN A 13 -0.14 8.02 -4.31
N GLY A 14 1.06 7.47 -4.28
CA GLY A 14 2.03 7.83 -3.27
C GLY A 14 2.66 9.19 -3.56
N ASN A 15 3.85 9.39 -3.00
CA ASN A 15 4.58 10.63 -3.21
C ASN A 15 5.87 10.59 -2.39
N ASP A 16 6.80 9.77 -2.85
CA ASP A 16 8.09 9.64 -2.17
C ASP A 16 9.10 8.99 -3.12
N GLU A 17 10.16 8.48 -2.53
CA GLU A 17 11.21 7.83 -3.30
C GLU A 17 10.70 6.49 -3.84
N GLU A 18 9.56 6.55 -4.51
CA GLU A 18 8.96 5.35 -5.08
C GLU A 18 7.49 5.61 -5.44
N ASP A 19 6.73 5.99 -4.43
CA ASP A 19 5.32 6.27 -4.62
C ASP A 19 4.62 5.01 -5.14
N LEU A 20 3.47 4.71 -4.54
CA LEU A 20 2.71 3.55 -4.93
C LEU A 20 1.32 3.99 -5.41
N PRO A 21 1.14 3.98 -6.76
CA PRO A 21 -0.12 4.38 -7.35
C PRO A 21 -1.17 3.28 -7.17
N PHE A 22 -2.23 3.65 -6.46
CA PHE A 22 -3.32 2.71 -6.20
C PHE A 22 -4.67 3.40 -6.36
N LYS A 23 -5.72 2.58 -6.35
CA LYS A 23 -7.07 3.10 -6.48
C LYS A 23 -7.95 2.51 -5.37
N LYS A 24 -9.00 1.81 -5.79
CA LYS A 24 -9.91 1.19 -4.85
C LYS A 24 -10.06 -0.29 -5.19
N GLY A 25 -9.66 -1.12 -4.23
CA GLY A 25 -9.74 -2.56 -4.41
C GLY A 25 -8.39 -3.13 -4.83
N ASP A 26 -7.35 -2.37 -4.58
CA ASP A 26 -6.00 -2.79 -4.93
C ASP A 26 -5.37 -3.53 -3.75
N ILE A 27 -4.39 -4.35 -4.06
CA ILE A 27 -3.70 -5.13 -3.04
C ILE A 27 -2.25 -4.63 -2.92
N LEU A 28 -1.78 -4.58 -1.69
CA LEU A 28 -0.42 -4.14 -1.44
C LEU A 28 0.15 -4.93 -0.25
N ARG A 29 1.29 -5.55 -0.49
CA ARG A 29 1.95 -6.34 0.55
C ARG A 29 2.87 -5.45 1.37
N ILE A 30 2.80 -5.63 2.69
CA ILE A 30 3.62 -4.86 3.60
C ILE A 30 5.00 -5.49 3.70
N ARG A 31 6.01 -4.72 3.32
CA ARG A 31 7.38 -5.20 3.36
C ARG A 31 8.21 -4.34 4.32
N ASP A 32 8.06 -3.04 4.17
CA ASP A 32 8.79 -2.10 5.00
C ASP A 32 7.83 -1.01 5.48
N LYS A 33 8.39 -0.08 6.26
CA LYS A 33 7.60 1.01 6.80
C LYS A 33 8.53 2.03 7.46
N PRO A 34 8.95 3.04 6.65
CA PRO A 34 9.85 4.07 7.15
C PRO A 34 9.09 5.07 8.04
N GLU A 35 7.79 5.18 7.78
CA GLU A 35 6.95 6.07 8.54
C GLU A 35 5.75 5.32 9.12
N GLU A 36 5.08 5.98 10.06
CA GLU A 36 3.92 5.38 10.70
C GLU A 36 2.66 5.67 9.87
N GLN A 37 2.71 6.76 9.13
CA GLN A 37 1.59 7.16 8.30
C GLN A 37 1.55 6.32 7.03
N TRP A 38 2.66 6.35 6.29
CA TRP A 38 2.76 5.60 5.05
C TRP A 38 3.65 4.39 5.31
N TRP A 39 3.32 3.30 4.63
CA TRP A 39 4.08 2.07 4.78
C TRP A 39 4.60 1.66 3.40
N ASN A 40 5.73 0.97 3.40
CA ASN A 40 6.33 0.52 2.16
C ASN A 40 5.72 -0.82 1.76
N ALA A 41 4.74 -0.76 0.88
CA ALA A 41 4.06 -1.96 0.41
C ALA A 41 4.47 -2.23 -1.03
N GLU A 42 4.15 -3.44 -1.48
CA GLU A 42 4.49 -3.83 -2.84
C GLU A 42 3.24 -4.33 -3.57
N ASP A 43 2.99 -3.73 -4.73
CA ASP A 43 1.83 -4.09 -5.53
C ASP A 43 2.13 -5.38 -6.29
N SER A 44 1.20 -5.76 -7.15
CA SER A 44 1.36 -6.97 -7.95
C SER A 44 2.30 -6.70 -9.12
N GLU A 45 3.50 -6.24 -8.78
CA GLU A 45 4.51 -5.94 -9.78
C GLU A 45 5.87 -5.73 -9.13
N GLY A 46 5.97 -6.19 -7.89
CA GLY A 46 7.21 -6.07 -7.14
C GLY A 46 7.58 -4.59 -6.93
N LYS A 47 6.59 -3.74 -7.17
CA LYS A 47 6.80 -2.30 -7.01
C LYS A 47 6.55 -1.91 -5.55
N ARG A 48 7.64 -1.59 -4.87
CA ARG A 48 7.55 -1.21 -3.47
C ARG A 48 7.53 0.32 -3.34
N GLY A 49 6.52 0.80 -2.62
CA GLY A 49 6.38 2.23 -2.41
C GLY A 49 5.67 2.53 -1.08
N MET A 50 5.73 3.77 -0.67
CA MET A 50 5.11 4.20 0.57
C MET A 50 3.66 4.62 0.34
N ILE A 51 2.75 3.76 0.75
CA ILE A 51 1.33 4.03 0.59
C ILE A 51 0.70 4.29 1.96
N PRO A 52 -0.51 4.88 1.94
CA PRO A 52 -1.23 5.18 3.17
C PRO A 52 -1.81 3.92 3.80
N VAL A 53 -1.52 3.74 5.08
CA VAL A 53 -2.01 2.58 5.80
C VAL A 53 -3.49 2.79 6.14
N PRO A 54 -3.84 4.08 6.39
CA PRO A 54 -5.22 4.42 6.72
C PRO A 54 -6.12 4.36 5.49
N TYR A 55 -5.48 4.33 4.33
CA TYR A 55 -6.20 4.28 3.07
C TYR A 55 -6.33 2.83 2.58
N VAL A 56 -5.86 1.91 3.40
CA VAL A 56 -5.92 0.50 3.06
C VAL A 56 -6.40 -0.30 4.27
N GLU A 57 -6.78 -1.54 4.01
CA GLU A 57 -7.26 -2.41 5.07
C GLU A 57 -6.32 -3.59 5.25
N LYS A 58 -6.30 -4.13 6.47
CA LYS A 58 -5.45 -5.26 6.78
C LYS A 58 -6.19 -6.56 6.47
N TYR A 59 -5.47 -7.49 5.86
CA TYR A 59 -6.05 -8.77 5.50
C TYR A 59 -5.09 -9.91 5.82
N GLY A 60 -4.21 -10.18 4.87
CA GLY A 60 -3.23 -11.26 5.05
C GLY A 60 -3.00 -11.55 6.53
N CYS A 1 -5.31 -12.18 9.16
CA CYS A 1 -4.28 -13.14 9.51
C CYS A 1 -2.93 -12.43 9.52
N GLY A 2 -1.89 -13.20 9.75
CA GLY A 2 -0.54 -12.66 9.78
C GLY A 2 -0.12 -12.13 8.40
N ALA A 3 1.17 -12.21 8.15
CA ALA A 3 1.71 -11.75 6.87
C ALA A 3 1.67 -10.21 6.83
N GLU A 4 1.67 -9.69 5.61
CA GLU A 4 1.63 -8.26 5.42
C GLU A 4 0.89 -7.91 4.12
N TYR A 5 -0.43 -8.01 4.19
CA TYR A 5 -1.26 -7.71 3.04
C TYR A 5 -2.34 -6.68 3.38
N VAL A 6 -2.36 -5.61 2.61
CA VAL A 6 -3.33 -4.55 2.82
C VAL A 6 -3.98 -4.18 1.49
N ARG A 7 -5.27 -3.92 1.55
CA ARG A 7 -6.02 -3.56 0.36
C ARG A 7 -6.54 -2.12 0.47
N ALA A 8 -6.43 -1.40 -0.63
CA ALA A 8 -6.89 -0.02 -0.67
C ALA A 8 -8.33 0.02 -1.16
N LEU A 9 -9.22 0.47 -0.29
CA LEU A 9 -10.62 0.56 -0.62
C LEU A 9 -10.90 1.92 -1.27
N PHE A 10 -9.89 2.77 -1.23
CA PHE A 10 -10.00 4.10 -1.80
C PHE A 10 -8.85 4.38 -2.77
N ASP A 11 -9.18 5.10 -3.83
CA ASP A 11 -8.18 5.46 -4.84
C ASP A 11 -7.58 6.82 -4.50
N PHE A 12 -6.38 7.05 -5.02
CA PHE A 12 -5.68 8.31 -4.78
C PHE A 12 -4.79 8.67 -5.96
N ASN A 13 -4.14 7.64 -6.50
CA ASN A 13 -3.25 7.85 -7.63
C ASN A 13 -2.20 8.90 -7.28
N GLY A 14 -1.26 9.10 -8.20
CA GLY A 14 -0.21 10.07 -8.00
C GLY A 14 0.96 9.82 -8.95
N ASN A 15 2.06 10.52 -8.69
CA ASN A 15 3.24 10.38 -9.52
C ASN A 15 4.25 11.47 -9.13
N ASP A 16 4.88 11.26 -7.98
CA ASP A 16 5.86 12.21 -7.49
C ASP A 16 7.27 11.71 -7.85
N GLU A 17 7.79 10.84 -7.01
CA GLU A 17 9.11 10.29 -7.22
C GLU A 17 9.50 9.37 -6.06
N GLU A 18 8.51 8.65 -5.56
CA GLU A 18 8.73 7.74 -4.46
C GLU A 18 7.39 7.22 -3.92
N ASP A 19 6.43 8.13 -3.86
CA ASP A 19 5.10 7.78 -3.37
C ASP A 19 4.59 6.55 -4.11
N LEU A 20 3.52 5.99 -3.58
CA LEU A 20 2.92 4.81 -4.19
C LEU A 20 1.42 5.02 -4.34
N PRO A 21 0.99 5.23 -5.62
CA PRO A 21 -0.42 5.45 -5.91
C PRO A 21 -1.21 4.13 -5.82
N PHE A 22 -2.52 4.27 -5.92
CA PHE A 22 -3.40 3.12 -5.85
C PHE A 22 -4.83 3.49 -6.24
N LYS A 23 -5.68 2.48 -6.26
CA LYS A 23 -7.08 2.68 -6.61
C LYS A 23 -7.96 2.25 -5.44
N LYS A 24 -9.20 1.91 -5.77
CA LYS A 24 -10.15 1.48 -4.76
C LYS A 24 -10.46 -0.01 -4.95
N GLY A 25 -9.80 -0.83 -4.16
CA GLY A 25 -9.98 -2.27 -4.24
C GLY A 25 -8.70 -2.97 -4.69
N ASP A 26 -7.58 -2.32 -4.43
CA ASP A 26 -6.29 -2.86 -4.80
C ASP A 26 -5.65 -3.54 -3.59
N ILE A 27 -4.60 -4.31 -3.85
CA ILE A 27 -3.90 -5.00 -2.79
C ILE A 27 -2.43 -4.59 -2.80
N LEU A 28 -1.82 -4.64 -1.62
CA LEU A 28 -0.43 -4.27 -1.49
C LEU A 28 0.19 -5.03 -0.30
N ARG A 29 1.37 -5.57 -0.54
CA ARG A 29 2.07 -6.33 0.49
C ARG A 29 3.02 -5.41 1.26
N ILE A 30 2.89 -5.43 2.58
CA ILE A 30 3.73 -4.62 3.43
C ILE A 30 5.03 -5.37 3.72
N ARG A 31 6.13 -4.73 3.35
CA ARG A 31 7.44 -5.32 3.57
C ARG A 31 8.30 -4.42 4.47
N ASP A 32 8.06 -3.12 4.34
CA ASP A 32 8.80 -2.15 5.12
C ASP A 32 7.84 -1.04 5.58
N LYS A 33 8.35 -0.19 6.46
CA LYS A 33 7.56 0.91 6.98
C LYS A 33 8.48 2.01 7.47
N PRO A 34 8.94 2.85 6.51
CA PRO A 34 9.83 3.96 6.84
C PRO A 34 9.08 5.09 7.51
N GLU A 35 7.78 5.16 7.23
CA GLU A 35 6.94 6.19 7.81
C GLU A 35 5.95 5.57 8.80
N GLU A 36 5.29 6.44 9.55
CA GLU A 36 4.30 6.00 10.53
C GLU A 36 2.92 5.93 9.89
N GLN A 37 2.69 6.83 8.95
CA GLN A 37 1.41 6.88 8.26
C GLN A 37 1.41 5.94 7.07
N TRP A 38 2.41 6.11 6.22
CA TRP A 38 2.53 5.27 5.03
C TRP A 38 3.65 4.27 5.27
N TRP A 39 3.50 3.10 4.68
CA TRP A 39 4.48 2.04 4.82
C TRP A 39 4.92 1.60 3.42
N ASN A 40 6.08 0.97 3.37
CA ASN A 40 6.62 0.50 2.11
C ASN A 40 6.05 -0.89 1.80
N ALA A 41 5.19 -0.93 0.80
CA ALA A 41 4.57 -2.18 0.41
C ALA A 41 4.86 -2.45 -1.07
N GLU A 42 4.40 -3.60 -1.54
CA GLU A 42 4.61 -3.98 -2.93
C GLU A 42 3.27 -4.10 -3.65
N ASP A 43 3.12 -3.28 -4.69
CA ASP A 43 1.90 -3.29 -5.47
C ASP A 43 1.86 -4.53 -6.36
N SER A 44 0.83 -4.60 -7.19
CA SER A 44 0.67 -5.72 -8.08
C SER A 44 1.62 -5.58 -9.28
N GLU A 45 2.91 -5.52 -8.96
CA GLU A 45 3.93 -5.38 -9.98
C GLU A 45 5.33 -5.56 -9.36
N GLY A 46 5.33 -5.75 -8.05
CA GLY A 46 6.58 -5.93 -7.34
C GLY A 46 7.28 -4.58 -7.11
N LYS A 47 6.50 -3.53 -7.20
CA LYS A 47 7.02 -2.18 -7.00
C LYS A 47 6.87 -1.79 -5.53
N ARG A 48 7.99 -1.49 -4.90
CA ARG A 48 8.00 -1.09 -3.50
C ARG A 48 7.83 0.41 -3.38
N GLY A 49 6.80 0.81 -2.66
CA GLY A 49 6.52 2.22 -2.44
C GLY A 49 5.79 2.44 -1.12
N MET A 50 5.73 3.70 -0.72
CA MET A 50 5.06 4.06 0.52
C MET A 50 3.57 4.33 0.29
N ILE A 51 2.77 3.34 0.68
CA ILE A 51 1.33 3.45 0.52
C ILE A 51 0.70 3.89 1.85
N PRO A 52 -0.51 4.50 1.74
CA PRO A 52 -1.23 4.97 2.92
C PRO A 52 -1.83 3.80 3.70
N VAL A 53 -1.66 3.85 5.01
CA VAL A 53 -2.19 2.81 5.88
C VAL A 53 -3.67 3.06 6.14
N PRO A 54 -4.02 4.37 6.18
CA PRO A 54 -5.39 4.77 6.42
C PRO A 54 -6.26 4.54 5.19
N TYR A 55 -5.61 4.55 4.03
CA TYR A 55 -6.30 4.34 2.78
C TYR A 55 -6.26 2.86 2.36
N VAL A 56 -5.91 2.03 3.33
CA VAL A 56 -5.83 0.59 3.09
C VAL A 56 -6.42 -0.15 4.28
N GLU A 57 -6.73 -1.42 4.06
CA GLU A 57 -7.29 -2.25 5.11
C GLU A 57 -6.45 -3.52 5.28
N LYS A 58 -6.73 -4.22 6.37
CA LYS A 58 -6.01 -5.46 6.67
C LYS A 58 -6.72 -6.63 5.99
N TYR A 59 -5.95 -7.36 5.20
CA TYR A 59 -6.49 -8.52 4.50
C TYR A 59 -5.95 -9.83 5.08
N GLY A 60 -6.59 -10.25 6.17
CA GLY A 60 -6.19 -11.47 6.84
C GLY A 60 -5.28 -11.18 8.03
N CYS A 1 -5.95 -9.70 10.52
CA CYS A 1 -4.57 -9.26 10.51
C CYS A 1 -3.68 -10.48 10.31
N GLY A 2 -3.54 -10.90 9.06
CA GLY A 2 -2.73 -12.05 8.72
C GLY A 2 -1.71 -11.70 7.64
N ALA A 3 -0.57 -12.39 7.70
CA ALA A 3 0.48 -12.17 6.72
C ALA A 3 0.75 -10.67 6.60
N GLU A 4 1.31 -10.30 5.46
CA GLU A 4 1.63 -8.90 5.21
C GLU A 4 0.89 -8.42 3.95
N TYR A 5 -0.44 -8.48 4.03
CA TYR A 5 -1.27 -8.05 2.92
C TYR A 5 -2.24 -6.94 3.35
N VAL A 6 -2.46 -6.00 2.45
CA VAL A 6 -3.35 -4.89 2.72
C VAL A 6 -4.09 -4.50 1.44
N ARG A 7 -5.37 -4.24 1.59
CA ARG A 7 -6.20 -3.87 0.46
C ARG A 7 -6.50 -2.37 0.50
N ALA A 8 -6.34 -1.73 -0.66
CA ALA A 8 -6.60 -0.30 -0.76
C ALA A 8 -8.02 -0.08 -1.27
N LEU A 9 -8.85 0.47 -0.40
CA LEU A 9 -10.23 0.74 -0.76
C LEU A 9 -10.38 2.22 -1.14
N PHE A 10 -9.32 2.97 -0.90
CA PHE A 10 -9.32 4.38 -1.22
C PHE A 10 -8.39 4.68 -2.41
N ASP A 11 -8.73 5.73 -3.13
CA ASP A 11 -7.94 6.13 -4.29
C ASP A 11 -7.14 7.39 -3.94
N PHE A 12 -5.98 7.51 -4.58
CA PHE A 12 -5.12 8.65 -4.36
C PHE A 12 -3.91 8.63 -5.30
N ASN A 13 -4.10 7.96 -6.43
CA ASN A 13 -3.05 7.85 -7.43
C ASN A 13 -1.70 7.71 -6.72
N GLY A 14 -0.64 8.07 -7.44
CA GLY A 14 0.70 8.00 -6.89
C GLY A 14 1.74 8.07 -8.00
N ASN A 15 2.49 9.17 -7.99
CA ASN A 15 3.52 9.38 -8.99
C ASN A 15 4.53 10.42 -8.47
N ASP A 16 5.02 10.16 -7.27
CA ASP A 16 5.99 11.06 -6.66
C ASP A 16 6.70 10.34 -5.52
N GLU A 17 7.95 10.74 -5.29
CA GLU A 17 8.75 10.13 -4.25
C GLU A 17 8.55 8.62 -4.23
N GLU A 18 8.38 8.06 -5.42
CA GLU A 18 8.18 6.62 -5.55
C GLU A 18 6.91 6.19 -4.81
N ASP A 19 5.84 6.94 -5.06
CA ASP A 19 4.57 6.65 -4.42
C ASP A 19 3.83 5.57 -5.23
N LEU A 20 3.08 4.74 -4.51
CA LEU A 20 2.33 3.68 -5.14
C LEU A 20 0.92 4.19 -5.47
N PRO A 21 0.64 4.29 -6.80
CA PRO A 21 -0.66 4.77 -7.25
C PRO A 21 -1.71 3.67 -7.09
N PHE A 22 -2.90 4.09 -6.64
CA PHE A 22 -4.00 3.16 -6.44
C PHE A 22 -5.34 3.87 -6.60
N LYS A 23 -6.40 3.06 -6.64
CA LYS A 23 -7.73 3.60 -6.80
C LYS A 23 -8.63 3.06 -5.67
N LYS A 24 -9.09 1.83 -5.87
CA LYS A 24 -9.95 1.19 -4.89
C LYS A 24 -10.04 -0.31 -5.19
N GLY A 25 -9.52 -1.10 -4.27
CA GLY A 25 -9.54 -2.54 -4.43
C GLY A 25 -8.18 -3.05 -4.90
N ASP A 26 -7.16 -2.24 -4.67
CA ASP A 26 -5.81 -2.60 -5.06
C ASP A 26 -5.18 -3.46 -3.97
N ILE A 27 -4.20 -4.26 -4.38
CA ILE A 27 -3.50 -5.14 -3.45
C ILE A 27 -2.12 -4.56 -3.15
N LEU A 28 -1.78 -4.54 -1.87
CA LEU A 28 -0.49 -4.02 -1.45
C LEU A 28 0.03 -4.87 -0.28
N ARG A 29 1.24 -5.39 -0.46
CA ARG A 29 1.85 -6.22 0.57
C ARG A 29 2.76 -5.36 1.45
N ILE A 30 2.73 -5.67 2.74
CA ILE A 30 3.54 -4.94 3.71
C ILE A 30 4.95 -5.54 3.74
N ARG A 31 5.91 -4.73 3.31
CA ARG A 31 7.30 -5.16 3.29
C ARG A 31 8.13 -4.36 4.30
N ASP A 32 8.03 -3.04 4.18
CA ASP A 32 8.75 -2.16 5.07
C ASP A 32 7.83 -1.03 5.52
N LYS A 33 8.35 -0.22 6.43
CA LYS A 33 7.58 0.90 6.96
C LYS A 33 8.52 1.84 7.73
N PRO A 34 9.10 2.81 6.97
CA PRO A 34 10.02 3.78 7.57
C PRO A 34 9.25 4.82 8.39
N GLU A 35 8.07 5.14 7.92
CA GLU A 35 7.22 6.12 8.59
C GLU A 35 6.04 5.42 9.28
N GLU A 36 5.34 6.19 10.09
CA GLU A 36 4.19 5.67 10.81
C GLU A 36 2.91 5.98 10.03
N GLN A 37 3.02 6.90 9.09
CA GLN A 37 1.88 7.28 8.28
C GLN A 37 1.82 6.45 7.00
N TRP A 38 2.92 6.50 6.25
CA TRP A 38 3.01 5.75 5.02
C TRP A 38 3.93 4.55 5.24
N TRP A 39 3.54 3.43 4.66
CA TRP A 39 4.31 2.20 4.80
C TRP A 39 4.75 1.76 3.41
N ASN A 40 5.86 1.04 3.37
CA ASN A 40 6.39 0.56 2.10
C ASN A 40 5.77 -0.80 1.79
N ALA A 41 4.74 -0.77 0.96
CA ALA A 41 4.06 -1.99 0.57
C ALA A 41 4.39 -2.33 -0.87
N GLU A 42 3.94 -3.50 -1.31
CA GLU A 42 4.19 -3.94 -2.67
C GLU A 42 2.87 -4.14 -3.42
N ASP A 43 2.72 -3.40 -4.50
CA ASP A 43 1.51 -3.48 -5.30
C ASP A 43 1.54 -4.78 -6.11
N SER A 44 0.60 -4.87 -7.05
CA SER A 44 0.50 -6.06 -7.89
C SER A 44 1.51 -5.96 -9.03
N GLU A 45 2.78 -5.87 -8.66
CA GLU A 45 3.84 -5.79 -9.64
C GLU A 45 5.20 -5.64 -8.95
N GLY A 46 5.25 -6.13 -7.72
CA GLY A 46 6.47 -6.06 -6.93
C GLY A 46 6.94 -4.62 -6.77
N LYS A 47 6.00 -3.70 -6.99
CA LYS A 47 6.31 -2.28 -6.87
C LYS A 47 6.25 -1.87 -5.40
N ARG A 48 7.43 -1.70 -4.82
CA ARG A 48 7.54 -1.31 -3.43
C ARG A 48 7.56 0.22 -3.30
N GLY A 49 6.57 0.73 -2.60
CA GLY A 49 6.47 2.17 -2.41
C GLY A 49 5.73 2.49 -1.10
N MET A 50 5.79 3.76 -0.72
CA MET A 50 5.14 4.21 0.49
C MET A 50 3.68 4.56 0.23
N ILE A 51 2.78 3.69 0.70
CA ILE A 51 1.37 3.90 0.52
C ILE A 51 0.72 4.22 1.87
N PRO A 52 -0.50 4.81 1.80
CA PRO A 52 -1.22 5.17 3.02
C PRO A 52 -1.81 3.93 3.70
N VAL A 53 -1.59 3.86 5.00
CA VAL A 53 -2.10 2.74 5.78
C VAL A 53 -3.59 2.94 6.06
N PRO A 54 -3.98 4.23 6.20
CA PRO A 54 -5.36 4.58 6.47
C PRO A 54 -6.21 4.42 5.21
N TYR A 55 -5.55 4.38 4.07
CA TYR A 55 -6.22 4.23 2.80
C TYR A 55 -6.23 2.77 2.34
N VAL A 56 -5.98 1.89 3.30
CA VAL A 56 -5.96 0.46 3.02
C VAL A 56 -6.50 -0.31 4.23
N GLU A 57 -6.65 -1.61 4.04
CA GLU A 57 -7.15 -2.47 5.10
C GLU A 57 -6.22 -3.65 5.32
N LYS A 58 -6.32 -4.25 6.49
CA LYS A 58 -5.49 -5.39 6.84
C LYS A 58 -6.19 -6.67 6.37
N TYR A 59 -5.40 -7.55 5.77
CA TYR A 59 -5.92 -8.81 5.28
C TYR A 59 -6.96 -9.39 6.25
N GLY A 60 -6.50 -9.70 7.45
CA GLY A 60 -7.37 -10.24 8.47
C GLY A 60 -6.55 -10.77 9.66
N CYS A 1 -5.00 -13.60 7.01
CA CYS A 1 -4.06 -14.58 7.52
C CYS A 1 -2.95 -14.77 6.47
N GLY A 2 -2.02 -13.84 6.48
CA GLY A 2 -0.91 -13.89 5.55
C GLY A 2 0.37 -13.31 6.17
N ALA A 3 0.55 -12.02 5.98
CA ALA A 3 1.70 -11.33 6.53
C ALA A 3 1.39 -9.84 6.69
N GLU A 4 1.42 -9.13 5.58
CA GLU A 4 1.14 -7.70 5.60
C GLU A 4 0.42 -7.29 4.31
N TYR A 5 -0.55 -8.10 3.93
CA TYR A 5 -1.32 -7.84 2.73
C TYR A 5 -2.51 -6.92 3.03
N VAL A 6 -2.37 -5.67 2.60
CA VAL A 6 -3.42 -4.69 2.81
C VAL A 6 -3.97 -4.23 1.46
N ARG A 7 -5.28 -4.10 1.40
CA ARG A 7 -5.94 -3.66 0.18
C ARG A 7 -6.46 -2.23 0.34
N ALA A 8 -6.45 -1.50 -0.77
CA ALA A 8 -6.92 -0.13 -0.76
C ALA A 8 -8.39 -0.09 -1.18
N LEU A 9 -9.22 0.42 -0.28
CA LEU A 9 -10.64 0.51 -0.55
C LEU A 9 -10.94 1.84 -1.24
N PHE A 10 -9.89 2.64 -1.39
CA PHE A 10 -10.03 3.93 -2.04
C PHE A 10 -8.84 4.22 -2.94
N ASP A 11 -9.08 5.06 -3.95
CA ASP A 11 -8.04 5.42 -4.89
C ASP A 11 -7.42 6.77 -4.48
N PHE A 12 -6.14 6.90 -4.76
CA PHE A 12 -5.43 8.11 -4.43
C PHE A 12 -3.95 8.01 -4.81
N ASN A 13 -3.71 7.97 -6.10
CA ASN A 13 -2.35 7.86 -6.62
C ASN A 13 -1.43 8.73 -5.75
N GLY A 14 -0.15 8.34 -5.74
CA GLY A 14 0.84 9.07 -4.97
C GLY A 14 0.72 10.57 -5.20
N ASN A 15 1.57 11.07 -6.09
CA ASN A 15 1.56 12.49 -6.41
C ASN A 15 2.47 12.73 -7.62
N ASP A 16 3.69 12.22 -7.52
CA ASP A 16 4.67 12.37 -8.59
C ASP A 16 5.12 10.99 -9.05
N GLU A 17 5.70 10.25 -8.11
CA GLU A 17 6.18 8.91 -8.41
C GLU A 17 6.82 8.28 -7.16
N GLU A 18 7.47 9.13 -6.38
CA GLU A 18 8.11 8.68 -5.16
C GLU A 18 7.13 7.86 -4.31
N ASP A 19 5.86 8.27 -4.37
CA ASP A 19 4.83 7.59 -3.62
C ASP A 19 4.29 6.42 -4.45
N LEU A 20 3.50 5.59 -3.79
CA LEU A 20 2.91 4.43 -4.45
C LEU A 20 1.42 4.70 -4.70
N PRO A 21 1.08 4.83 -6.01
CA PRO A 21 -0.30 5.09 -6.40
C PRO A 21 -1.15 3.82 -6.26
N PHE A 22 -2.42 4.04 -5.96
CA PHE A 22 -3.35 2.93 -5.79
C PHE A 22 -4.76 3.35 -6.17
N LYS A 23 -5.65 2.36 -6.21
CA LYS A 23 -7.05 2.61 -6.55
C LYS A 23 -7.95 2.05 -5.44
N LYS A 24 -9.22 1.96 -5.76
CA LYS A 24 -10.20 1.45 -4.81
C LYS A 24 -10.42 -0.05 -5.07
N GLY A 25 -9.86 -0.86 -4.20
CA GLY A 25 -10.00 -2.30 -4.32
C GLY A 25 -8.69 -2.94 -4.80
N ASP A 26 -7.60 -2.27 -4.47
CA ASP A 26 -6.27 -2.76 -4.85
C ASP A 26 -5.66 -3.52 -3.67
N ILE A 27 -4.60 -4.26 -3.98
CA ILE A 27 -3.92 -5.04 -2.97
C ILE A 27 -2.43 -4.64 -2.94
N LEU A 28 -1.91 -4.54 -1.72
CA LEU A 28 -0.51 -4.16 -1.54
C LEU A 28 0.04 -4.86 -0.30
N ARG A 29 1.18 -5.49 -0.49
CA ARG A 29 1.83 -6.20 0.61
C ARG A 29 2.85 -5.30 1.30
N ILE A 30 2.77 -5.29 2.63
CA ILE A 30 3.68 -4.47 3.42
C ILE A 30 4.94 -5.28 3.74
N ARG A 31 6.09 -4.64 3.52
CA ARG A 31 7.35 -5.28 3.78
C ARG A 31 8.22 -4.41 4.70
N ASP A 32 8.11 -3.11 4.49
CA ASP A 32 8.87 -2.15 5.29
C ASP A 32 7.94 -1.04 5.76
N LYS A 33 8.46 -0.23 6.67
CA LYS A 33 7.70 0.88 7.21
C LYS A 33 8.64 1.87 7.90
N PRO A 34 9.21 2.78 7.07
CA PRO A 34 10.14 3.77 7.58
C PRO A 34 9.39 4.88 8.34
N GLU A 35 8.14 5.05 7.97
CA GLU A 35 7.30 6.07 8.58
C GLU A 35 6.17 5.41 9.38
N GLU A 36 5.42 6.25 10.08
CA GLU A 36 4.31 5.76 10.88
C GLU A 36 2.99 5.96 10.14
N GLN A 37 3.03 6.86 9.16
CA GLN A 37 1.84 7.14 8.36
C GLN A 37 1.76 6.20 7.17
N TRP A 38 2.71 6.34 6.27
CA TRP A 38 2.76 5.51 5.07
C TRP A 38 3.71 4.34 5.35
N TRP A 39 3.46 3.25 4.66
CA TRP A 39 4.29 2.06 4.82
C TRP A 39 4.79 1.64 3.44
N ASN A 40 5.93 0.96 3.44
CA ASN A 40 6.53 0.51 2.20
C ASN A 40 5.94 -0.86 1.83
N ALA A 41 5.05 -0.84 0.85
CA ALA A 41 4.41 -2.07 0.40
C ALA A 41 4.66 -2.25 -1.09
N GLU A 42 4.29 -3.42 -1.59
CA GLU A 42 4.47 -3.74 -3.00
C GLU A 42 3.11 -3.94 -3.67
N ASP A 43 2.91 -3.20 -4.75
CA ASP A 43 1.66 -3.29 -5.50
C ASP A 43 1.69 -4.54 -6.37
N SER A 44 0.66 -4.68 -7.20
CA SER A 44 0.55 -5.82 -8.08
C SER A 44 1.50 -5.65 -9.27
N GLU A 45 2.79 -5.64 -8.96
CA GLU A 45 3.81 -5.49 -9.98
C GLU A 45 5.21 -5.58 -9.36
N GLY A 46 5.22 -5.78 -8.05
CA GLY A 46 6.49 -5.88 -7.33
C GLY A 46 7.08 -4.50 -7.08
N LYS A 47 6.27 -3.48 -7.30
CA LYS A 47 6.71 -2.11 -7.11
C LYS A 47 6.55 -1.74 -5.63
N ARG A 48 7.68 -1.61 -4.96
CA ARG A 48 7.69 -1.25 -3.55
C ARG A 48 7.67 0.27 -3.38
N GLY A 49 6.67 0.75 -2.66
CA GLY A 49 6.54 2.17 -2.42
C GLY A 49 5.83 2.44 -1.09
N MET A 50 5.80 3.71 -0.71
CA MET A 50 5.16 4.10 0.54
C MET A 50 3.67 4.38 0.31
N ILE A 51 2.87 3.36 0.54
CA ILE A 51 1.42 3.50 0.38
C ILE A 51 0.80 3.90 1.71
N PRO A 52 -0.43 4.50 1.61
CA PRO A 52 -1.14 4.94 2.79
C PRO A 52 -1.74 3.75 3.54
N VAL A 53 -1.51 3.74 4.85
CA VAL A 53 -2.02 2.66 5.69
C VAL A 53 -3.49 2.93 6.00
N PRO A 54 -3.83 4.24 6.08
CA PRO A 54 -5.20 4.64 6.37
C PRO A 54 -6.10 4.45 5.15
N TYR A 55 -5.48 4.48 3.99
CA TYR A 55 -6.21 4.31 2.74
C TYR A 55 -6.21 2.84 2.31
N VAL A 56 -5.89 1.97 3.25
CA VAL A 56 -5.86 0.55 2.98
C VAL A 56 -6.40 -0.21 4.20
N GLU A 57 -6.60 -1.51 4.01
CA GLU A 57 -7.12 -2.35 5.08
C GLU A 57 -6.28 -3.62 5.20
N LYS A 58 -6.30 -4.20 6.39
CA LYS A 58 -5.55 -5.41 6.65
C LYS A 58 -6.41 -6.63 6.29
N TYR A 59 -5.81 -7.54 5.55
CA TYR A 59 -6.50 -8.75 5.13
C TYR A 59 -5.95 -9.98 5.88
N GLY A 60 -4.67 -10.24 5.65
CA GLY A 60 -4.02 -11.37 6.29
C GLY A 60 -4.67 -12.69 5.86
N CYS A 1 -5.21 -14.15 7.95
CA CYS A 1 -4.58 -15.22 7.20
C CYS A 1 -3.79 -14.61 6.04
N GLY A 2 -2.48 -14.86 6.07
CA GLY A 2 -1.60 -14.32 5.05
C GLY A 2 -0.20 -14.09 5.59
N ALA A 3 0.21 -12.82 5.55
CA ALA A 3 1.53 -12.45 6.04
C ALA A 3 1.62 -10.93 6.11
N GLU A 4 1.53 -10.31 4.95
CA GLU A 4 1.61 -8.85 4.87
C GLU A 4 0.86 -8.35 3.63
N TYR A 5 -0.46 -8.35 3.73
CA TYR A 5 -1.29 -7.90 2.63
C TYR A 5 -2.26 -6.82 3.10
N VAL A 6 -2.31 -5.74 2.31
CA VAL A 6 -3.20 -4.63 2.63
C VAL A 6 -3.96 -4.22 1.37
N ARG A 7 -5.28 -4.15 1.52
CA ARG A 7 -6.13 -3.78 0.40
C ARG A 7 -6.45 -2.28 0.46
N ALA A 8 -6.34 -1.64 -0.69
CA ALA A 8 -6.61 -0.21 -0.78
C ALA A 8 -8.05 0.00 -1.27
N LEU A 9 -8.89 0.47 -0.36
CA LEU A 9 -10.29 0.72 -0.68
C LEU A 9 -10.44 2.15 -1.19
N PHE A 10 -9.60 3.03 -0.66
CA PHE A 10 -9.63 4.42 -1.05
C PHE A 10 -8.73 4.68 -2.27
N ASP A 11 -9.10 5.70 -3.02
CA ASP A 11 -8.34 6.06 -4.21
C ASP A 11 -7.53 7.32 -3.94
N PHE A 12 -6.32 7.35 -4.47
CA PHE A 12 -5.45 8.48 -4.29
C PHE A 12 -4.10 8.27 -4.99
N ASN A 13 -4.18 8.01 -6.30
CA ASN A 13 -2.99 7.79 -7.08
C ASN A 13 -1.86 8.70 -6.59
N GLY A 14 -2.20 9.97 -6.44
CA GLY A 14 -1.23 10.95 -5.97
C GLY A 14 -0.50 11.60 -7.15
N ASN A 15 0.78 11.26 -7.26
CA ASN A 15 1.60 11.80 -8.33
C ASN A 15 3.05 11.30 -8.16
N ASP A 16 3.17 9.99 -8.02
CA ASP A 16 4.48 9.37 -7.85
C ASP A 16 5.29 10.19 -6.82
N GLU A 17 6.59 9.99 -6.87
CA GLU A 17 7.49 10.68 -5.96
C GLU A 17 7.47 10.00 -4.58
N GLU A 18 7.68 8.70 -4.60
CA GLU A 18 7.70 7.92 -3.37
C GLU A 18 6.26 7.70 -2.86
N ASP A 19 5.37 7.43 -3.80
CA ASP A 19 3.98 7.20 -3.46
C ASP A 19 3.34 6.32 -4.54
N LEU A 20 2.95 5.13 -4.13
CA LEU A 20 2.31 4.19 -5.05
C LEU A 20 0.85 4.59 -5.26
N PRO A 21 0.51 4.89 -6.54
CA PRO A 21 -0.84 5.28 -6.88
C PRO A 21 -1.79 4.08 -6.88
N PHE A 22 -2.94 4.28 -6.25
CA PHE A 22 -3.93 3.22 -6.16
C PHE A 22 -5.33 3.76 -6.47
N LYS A 23 -6.29 2.85 -6.43
CA LYS A 23 -7.67 3.22 -6.71
C LYS A 23 -8.56 2.74 -5.56
N LYS A 24 -9.21 1.61 -5.78
CA LYS A 24 -10.09 1.03 -4.78
C LYS A 24 -10.22 -0.47 -5.02
N GLY A 25 -9.80 -1.24 -4.02
CA GLY A 25 -9.86 -2.69 -4.11
C GLY A 25 -8.51 -3.26 -4.55
N ASP A 26 -7.49 -2.43 -4.45
CA ASP A 26 -6.15 -2.84 -4.84
C ASP A 26 -5.50 -3.57 -3.66
N ILE A 27 -4.43 -4.30 -3.97
CA ILE A 27 -3.71 -5.05 -2.96
C ILE A 27 -2.27 -4.54 -2.89
N LEU A 28 -1.71 -4.61 -1.68
CA LEU A 28 -0.34 -4.16 -1.47
C LEU A 28 0.30 -5.02 -0.38
N ARG A 29 1.50 -5.50 -0.69
CA ARG A 29 2.23 -6.34 0.25
C ARG A 29 3.06 -5.47 1.19
N ILE A 30 2.88 -5.71 2.48
CA ILE A 30 3.61 -4.96 3.49
C ILE A 30 5.01 -5.58 3.68
N ARG A 31 6.01 -4.76 3.40
CA ARG A 31 7.39 -5.22 3.54
C ARG A 31 8.10 -4.43 4.64
N ASP A 32 7.96 -3.11 4.58
CA ASP A 32 8.58 -2.24 5.57
C ASP A 32 7.62 -1.10 5.90
N LYS A 33 8.00 -0.33 6.91
CA LYS A 33 7.19 0.80 7.34
C LYS A 33 8.10 1.98 7.68
N PRO A 34 8.90 2.39 6.65
CA PRO A 34 9.82 3.51 6.82
C PRO A 34 9.06 4.84 6.83
N GLU A 35 8.43 5.12 7.96
CA GLU A 35 7.67 6.35 8.10
C GLU A 35 6.71 6.24 9.28
N GLU A 36 6.01 7.34 9.54
CA GLU A 36 5.05 7.38 10.63
C GLU A 36 3.63 7.62 10.08
N GLN A 37 3.33 6.92 9.00
CA GLN A 37 2.03 7.06 8.37
C GLN A 37 1.95 6.18 7.11
N TRP A 38 2.95 6.35 6.26
CA TRP A 38 3.00 5.58 5.02
C TRP A 38 3.90 4.37 5.26
N TRP A 39 3.52 3.26 4.63
CA TRP A 39 4.27 2.03 4.77
C TRP A 39 4.74 1.61 3.37
N ASN A 40 5.89 0.94 3.35
CA ASN A 40 6.45 0.48 2.10
C ASN A 40 5.86 -0.89 1.74
N ALA A 41 4.87 -0.86 0.86
CA ALA A 41 4.21 -2.09 0.43
C ALA A 41 4.46 -2.30 -1.05
N GLU A 42 4.06 -3.47 -1.53
CA GLU A 42 4.23 -3.81 -2.93
C GLU A 42 2.87 -4.00 -3.60
N ASP A 43 2.60 -3.14 -4.58
CA ASP A 43 1.35 -3.19 -5.31
C ASP A 43 1.30 -4.48 -6.14
N SER A 44 0.37 -4.49 -7.09
CA SER A 44 0.22 -5.65 -7.96
C SER A 44 1.19 -5.54 -9.15
N GLU A 45 2.48 -5.49 -8.81
CA GLU A 45 3.50 -5.39 -9.83
C GLU A 45 4.90 -5.38 -9.18
N GLY A 46 4.94 -5.83 -7.94
CA GLY A 46 6.18 -5.88 -7.20
C GLY A 46 6.74 -4.47 -6.97
N LYS A 47 5.88 -3.49 -7.20
CA LYS A 47 6.28 -2.10 -7.03
C LYS A 47 6.22 -1.74 -5.54
N ARG A 48 7.40 -1.64 -4.94
CA ARG A 48 7.51 -1.30 -3.54
C ARG A 48 7.58 0.22 -3.36
N GLY A 49 6.58 0.75 -2.67
CA GLY A 49 6.52 2.18 -2.41
C GLY A 49 5.79 2.48 -1.11
N MET A 50 5.85 3.74 -0.71
CA MET A 50 5.19 4.17 0.52
C MET A 50 3.74 4.59 0.24
N ILE A 51 2.82 3.71 0.61
CA ILE A 51 1.41 3.98 0.42
C ILE A 51 0.76 4.27 1.77
N PRO A 52 -0.48 4.83 1.70
CA PRO A 52 -1.21 5.17 2.91
C PRO A 52 -1.78 3.91 3.58
N VAL A 53 -1.55 3.82 4.88
CA VAL A 53 -2.02 2.68 5.64
C VAL A 53 -3.51 2.87 5.96
N PRO A 54 -3.89 4.16 6.16
CA PRO A 54 -5.26 4.49 6.48
C PRO A 54 -6.15 4.39 5.23
N TYR A 55 -5.50 4.31 4.09
CA TYR A 55 -6.21 4.21 2.83
C TYR A 55 -6.33 2.75 2.38
N VAL A 56 -5.87 1.87 3.24
CA VAL A 56 -5.93 0.44 2.95
C VAL A 56 -6.41 -0.30 4.19
N GLU A 57 -6.70 -1.60 3.99
CA GLU A 57 -7.16 -2.43 5.08
C GLU A 57 -6.22 -3.61 5.28
N LYS A 58 -6.23 -4.15 6.50
CA LYS A 58 -5.38 -5.28 6.82
C LYS A 58 -6.13 -6.58 6.49
N TYR A 59 -5.47 -7.41 5.70
CA TYR A 59 -6.04 -8.68 5.30
C TYR A 59 -5.18 -9.85 5.76
N GLY A 60 -5.67 -10.56 6.76
CA GLY A 60 -4.95 -11.70 7.30
C GLY A 60 -5.83 -12.95 7.33
N CYS A 1 -6.61 -13.82 7.10
CA CYS A 1 -5.80 -14.90 7.65
C CYS A 1 -4.71 -14.29 8.53
N GLY A 2 -3.56 -14.06 7.92
CA GLY A 2 -2.43 -13.48 8.64
C GLY A 2 -1.21 -13.35 7.73
N ALA A 3 -0.89 -12.10 7.40
CA ALA A 3 0.25 -11.82 6.54
C ALA A 3 0.45 -10.31 6.44
N GLU A 4 1.10 -9.91 5.36
CA GLU A 4 1.36 -8.50 5.13
C GLU A 4 0.70 -8.04 3.83
N TYR A 5 -0.62 -8.13 3.81
CA TYR A 5 -1.38 -7.73 2.63
C TYR A 5 -2.49 -6.74 3.01
N VAL A 6 -2.33 -5.52 2.51
CA VAL A 6 -3.30 -4.48 2.79
C VAL A 6 -4.11 -4.19 1.51
N ARG A 7 -5.41 -4.04 1.70
CA ARG A 7 -6.30 -3.76 0.58
C ARG A 7 -6.66 -2.28 0.55
N ALA A 8 -6.48 -1.68 -0.62
CA ALA A 8 -6.78 -0.27 -0.81
C ALA A 8 -8.25 -0.12 -1.21
N LEU A 9 -9.06 0.30 -0.26
CA LEU A 9 -10.48 0.49 -0.50
C LEU A 9 -10.72 1.93 -0.96
N PHE A 10 -9.86 2.82 -0.49
CA PHE A 10 -9.96 4.22 -0.84
C PHE A 10 -9.13 4.55 -2.08
N ASP A 11 -9.58 5.55 -2.81
CA ASP A 11 -8.89 5.97 -4.02
C ASP A 11 -8.01 7.18 -3.70
N PHE A 12 -6.85 7.22 -4.34
CA PHE A 12 -5.91 8.31 -4.13
C PHE A 12 -5.40 8.84 -5.48
N ASN A 13 -5.26 7.93 -6.43
CA ASN A 13 -4.78 8.30 -7.75
C ASN A 13 -3.36 8.86 -7.63
N GLY A 14 -2.50 8.39 -8.53
CA GLY A 14 -1.12 8.83 -8.54
C GLY A 14 -0.49 8.63 -9.91
N ASN A 15 0.79 8.99 -10.02
CA ASN A 15 1.51 8.85 -11.26
C ASN A 15 2.75 9.74 -11.23
N ASP A 16 3.67 9.40 -10.34
CA ASP A 16 4.90 10.16 -10.20
C ASP A 16 6.09 9.25 -10.50
N GLU A 17 6.53 8.54 -9.46
CA GLU A 17 7.66 7.63 -9.60
C GLU A 17 8.14 7.16 -8.23
N GLU A 18 7.18 6.78 -7.41
CA GLU A 18 7.49 6.31 -6.07
C GLU A 18 6.20 5.94 -5.32
N ASP A 19 5.22 6.82 -5.42
CA ASP A 19 3.94 6.61 -4.77
C ASP A 19 3.23 5.42 -5.43
N LEU A 20 2.22 4.91 -4.73
CA LEU A 20 1.47 3.79 -5.24
C LEU A 20 0.03 4.23 -5.53
N PRO A 21 -0.26 4.41 -6.84
CA PRO A 21 -1.58 4.83 -7.27
C PRO A 21 -2.58 3.68 -7.17
N PHE A 22 -3.73 3.99 -6.58
CA PHE A 22 -4.78 2.98 -6.41
C PHE A 22 -6.16 3.63 -6.44
N LYS A 23 -7.18 2.78 -6.41
CA LYS A 23 -8.55 3.26 -6.43
C LYS A 23 -9.32 2.65 -5.25
N LYS A 24 -9.80 1.43 -5.47
CA LYS A 24 -10.55 0.74 -4.44
C LYS A 24 -10.58 -0.76 -4.76
N GLY A 25 -9.92 -1.53 -3.90
CA GLY A 25 -9.86 -2.97 -4.09
C GLY A 25 -8.46 -3.41 -4.52
N ASP A 26 -7.50 -2.51 -4.34
CA ASP A 26 -6.13 -2.80 -4.70
C ASP A 26 -5.47 -3.62 -3.59
N ILE A 27 -4.40 -4.31 -3.97
CA ILE A 27 -3.68 -5.15 -3.03
C ILE A 27 -2.24 -4.65 -2.93
N LEU A 28 -1.77 -4.51 -1.70
CA LEU A 28 -0.42 -4.06 -1.45
C LEU A 28 0.20 -4.89 -0.33
N ARG A 29 1.39 -5.42 -0.60
CA ARG A 29 2.09 -6.23 0.37
C ARG A 29 2.99 -5.34 1.24
N ILE A 30 2.89 -5.56 2.55
CA ILE A 30 3.67 -4.79 3.50
C ILE A 30 5.07 -5.42 3.62
N ARG A 31 6.07 -4.63 3.30
CA ARG A 31 7.44 -5.09 3.38
C ARG A 31 8.21 -4.33 4.46
N ASP A 32 8.23 -3.02 4.32
CA ASP A 32 8.92 -2.17 5.28
C ASP A 32 7.92 -1.14 5.84
N LYS A 33 8.30 -0.57 6.98
CA LYS A 33 7.46 0.42 7.63
C LYS A 33 8.35 1.48 8.29
N PRO A 34 8.91 2.38 7.43
CA PRO A 34 9.78 3.44 7.92
C PRO A 34 8.97 4.54 8.60
N GLU A 35 7.76 4.75 8.10
CA GLU A 35 6.88 5.77 8.64
C GLU A 35 5.65 5.12 9.27
N GLU A 36 4.95 5.90 10.08
CA GLU A 36 3.75 5.41 10.74
C GLU A 36 2.52 5.65 9.86
N GLN A 37 2.66 6.61 8.97
CA GLN A 37 1.56 6.95 8.06
C GLN A 37 1.63 6.07 6.81
N TRP A 38 2.65 6.33 5.99
CA TRP A 38 2.83 5.58 4.78
C TRP A 38 3.79 4.42 5.06
N TRP A 39 3.50 3.28 4.46
CA TRP A 39 4.33 2.10 4.65
C TRP A 39 4.86 1.68 3.28
N ASN A 40 6.01 1.02 3.30
CA ASN A 40 6.63 0.55 2.08
C ASN A 40 6.07 -0.83 1.72
N ALA A 41 5.03 -0.80 0.90
CA ALA A 41 4.39 -2.03 0.47
C ALA A 41 4.71 -2.28 -1.02
N GLU A 42 4.24 -3.42 -1.50
CA GLU A 42 4.46 -3.77 -2.90
C GLU A 42 3.13 -4.02 -3.59
N ASP A 43 2.91 -3.27 -4.68
CA ASP A 43 1.69 -3.40 -5.44
C ASP A 43 1.72 -4.70 -6.24
N SER A 44 0.73 -4.84 -7.12
CA SER A 44 0.64 -6.03 -7.95
C SER A 44 1.55 -5.88 -9.18
N GLU A 45 2.84 -5.80 -8.92
CA GLU A 45 3.82 -5.67 -9.98
C GLU A 45 5.24 -5.70 -9.40
N GLY A 46 5.32 -6.02 -8.13
CA GLY A 46 6.61 -6.09 -7.45
C GLY A 46 7.23 -4.70 -7.30
N LYS A 47 6.35 -3.71 -7.22
CA LYS A 47 6.80 -2.33 -7.07
C LYS A 47 6.61 -1.88 -5.63
N ARG A 48 7.73 -1.61 -4.97
CA ARG A 48 7.70 -1.17 -3.59
C ARG A 48 7.58 0.35 -3.51
N GLY A 49 6.59 0.80 -2.75
CA GLY A 49 6.36 2.23 -2.58
C GLY A 49 5.73 2.53 -1.23
N MET A 50 5.66 3.81 -0.90
CA MET A 50 5.09 4.24 0.36
C MET A 50 3.60 4.55 0.20
N ILE A 51 2.78 3.58 0.61
CA ILE A 51 1.34 3.74 0.52
C ILE A 51 0.77 4.02 1.91
N PRO A 52 -0.36 4.76 1.92
CA PRO A 52 -1.01 5.11 3.17
C PRO A 52 -1.74 3.91 3.77
N VAL A 53 -1.53 3.72 5.07
CA VAL A 53 -2.16 2.62 5.78
C VAL A 53 -3.64 2.93 6.01
N PRO A 54 -3.93 4.25 6.13
CA PRO A 54 -5.30 4.70 6.34
C PRO A 54 -6.13 4.58 5.06
N TYR A 55 -5.42 4.40 3.95
CA TYR A 55 -6.08 4.27 2.67
C TYR A 55 -6.23 2.80 2.27
N VAL A 56 -5.84 1.93 3.20
CA VAL A 56 -5.93 0.50 2.94
C VAL A 56 -6.47 -0.19 4.20
N GLU A 57 -6.77 -1.48 4.06
CA GLU A 57 -7.29 -2.26 5.16
C GLU A 57 -6.44 -3.51 5.37
N LYS A 58 -6.80 -4.26 6.40
CA LYS A 58 -6.08 -5.48 6.72
C LYS A 58 -6.77 -6.66 6.05
N TYR A 59 -6.08 -7.25 5.08
CA TYR A 59 -6.62 -8.39 4.35
C TYR A 59 -7.18 -9.44 5.33
N GLY A 60 -6.26 -10.20 5.90
CA GLY A 60 -6.64 -11.25 6.85
C GLY A 60 -6.07 -12.60 6.42
N CYS A 1 -5.18 -13.91 7.55
CA CYS A 1 -3.87 -14.44 7.87
C CYS A 1 -3.04 -13.31 8.50
N GLY A 2 -1.77 -13.61 8.73
CA GLY A 2 -0.86 -12.65 9.33
C GLY A 2 0.50 -12.68 8.63
N ALA A 3 0.53 -12.17 7.41
CA ALA A 3 1.75 -12.14 6.63
C ALA A 3 2.15 -10.68 6.37
N GLU A 4 1.42 -10.05 5.46
CA GLU A 4 1.68 -8.67 5.12
C GLU A 4 0.88 -8.27 3.88
N TYR A 5 -0.44 -8.36 4.01
CA TYR A 5 -1.33 -8.00 2.91
C TYR A 5 -2.32 -6.93 3.33
N VAL A 6 -2.24 -5.80 2.64
CA VAL A 6 -3.13 -4.68 2.94
C VAL A 6 -3.92 -4.32 1.67
N ARG A 7 -5.24 -4.36 1.82
CA ARG A 7 -6.12 -4.04 0.69
C ARG A 7 -6.38 -2.53 0.65
N ALA A 8 -6.60 -2.05 -0.57
CA ALA A 8 -6.87 -0.63 -0.77
C ALA A 8 -8.31 -0.46 -1.26
N LEU A 9 -9.14 0.07 -0.37
CA LEU A 9 -10.54 0.30 -0.71
C LEU A 9 -10.71 1.74 -1.21
N PHE A 10 -9.64 2.50 -1.11
CA PHE A 10 -9.65 3.88 -1.57
C PHE A 10 -8.73 4.08 -2.77
N ASP A 11 -8.92 5.20 -3.45
CA ASP A 11 -8.11 5.52 -4.61
C ASP A 11 -7.27 6.77 -4.32
N PHE A 12 -6.10 6.80 -4.92
CA PHE A 12 -5.19 7.93 -4.74
C PHE A 12 -4.05 7.89 -5.75
N ASN A 13 -4.36 7.34 -6.91
CA ASN A 13 -3.37 7.24 -7.99
C ASN A 13 -2.86 8.63 -8.33
N GLY A 14 -1.55 8.81 -8.16
CA GLY A 14 -0.92 10.09 -8.46
C GLY A 14 -0.67 10.88 -7.17
N ASN A 15 0.56 10.81 -6.70
CA ASN A 15 0.94 11.52 -5.49
C ASN A 15 2.39 11.98 -5.61
N ASP A 16 3.25 11.05 -6.01
CA ASP A 16 4.67 11.34 -6.16
C ASP A 16 5.33 10.23 -6.96
N GLU A 17 6.53 10.52 -7.44
CA GLU A 17 7.28 9.55 -8.22
C GLU A 17 7.66 8.36 -7.36
N GLU A 18 7.65 8.59 -6.05
CA GLU A 18 8.00 7.54 -5.10
C GLU A 18 6.73 6.85 -4.59
N ASP A 19 5.66 7.63 -4.50
CA ASP A 19 4.40 7.11 -4.03
C ASP A 19 3.93 6.00 -4.97
N LEU A 20 2.92 5.26 -4.51
CA LEU A 20 2.36 4.18 -5.29
C LEU A 20 0.88 4.44 -5.56
N PRO A 21 0.54 4.55 -6.87
CA PRO A 21 -0.84 4.81 -7.26
C PRO A 21 -1.70 3.55 -7.11
N PHE A 22 -2.89 3.75 -6.58
CA PHE A 22 -3.81 2.65 -6.37
C PHE A 22 -5.27 3.13 -6.47
N LYS A 23 -6.18 2.16 -6.43
CA LYS A 23 -7.59 2.46 -6.51
C LYS A 23 -8.34 1.71 -5.39
N LYS A 24 -9.65 1.73 -5.49
CA LYS A 24 -10.49 1.05 -4.51
C LYS A 24 -10.72 -0.40 -4.95
N GLY A 25 -10.13 -1.31 -4.19
CA GLY A 25 -10.26 -2.73 -4.50
C GLY A 25 -8.90 -3.34 -4.83
N ASP A 26 -7.86 -2.55 -4.62
CA ASP A 26 -6.50 -3.01 -4.90
C ASP A 26 -5.92 -3.64 -3.63
N ILE A 27 -4.75 -4.23 -3.81
CA ILE A 27 -4.07 -4.87 -2.68
C ILE A 27 -2.57 -4.58 -2.77
N LEU A 28 -1.96 -4.38 -1.62
CA LEU A 28 -0.54 -4.10 -1.54
C LEU A 28 0.08 -4.91 -0.40
N ARG A 29 1.28 -5.40 -0.66
CA ARG A 29 1.99 -6.19 0.34
C ARG A 29 2.81 -5.27 1.25
N ILE A 30 2.73 -5.54 2.54
CA ILE A 30 3.46 -4.76 3.52
C ILE A 30 4.89 -5.28 3.63
N ARG A 31 5.82 -4.49 3.14
CA ARG A 31 7.22 -4.86 3.18
C ARG A 31 7.87 -4.35 4.47
N ASP A 32 7.83 -3.04 4.64
CA ASP A 32 8.40 -2.41 5.82
C ASP A 32 7.64 -1.13 6.13
N LYS A 33 7.50 -0.85 7.42
CA LYS A 33 6.80 0.35 7.87
C LYS A 33 7.69 1.12 8.85
N PRO A 34 8.68 1.85 8.28
CA PRO A 34 9.60 2.64 9.09
C PRO A 34 8.91 3.89 9.62
N GLU A 35 8.25 4.60 8.72
CA GLU A 35 7.55 5.82 9.09
C GLU A 35 6.34 5.49 9.96
N GLU A 36 5.68 6.54 10.41
CA GLU A 36 4.51 6.39 11.25
C GLU A 36 3.26 6.93 10.53
N GLN A 37 3.08 6.45 9.31
CA GLN A 37 1.94 6.87 8.50
C GLN A 37 1.96 6.17 7.16
N TRP A 38 3.07 6.33 6.46
CA TRP A 38 3.22 5.71 5.14
C TRP A 38 4.24 4.57 5.27
N TRP A 39 3.87 3.43 4.71
CA TRP A 39 4.73 2.26 4.76
C TRP A 39 5.05 1.85 3.32
N ASN A 40 6.18 1.19 3.16
CA ASN A 40 6.60 0.74 1.85
C ASN A 40 6.00 -0.64 1.56
N ALA A 41 5.03 -0.65 0.64
CA ALA A 41 4.36 -1.88 0.27
C ALA A 41 4.64 -2.18 -1.21
N GLU A 42 4.16 -3.35 -1.64
CA GLU A 42 4.35 -3.76 -3.02
C GLU A 42 3.01 -3.88 -3.72
N ASP A 43 2.82 -3.05 -4.74
CA ASP A 43 1.58 -3.05 -5.49
C ASP A 43 1.55 -4.29 -6.40
N SER A 44 0.50 -4.37 -7.20
CA SER A 44 0.34 -5.48 -8.12
C SER A 44 1.27 -5.31 -9.32
N GLU A 45 2.56 -5.28 -9.03
CA GLU A 45 3.56 -5.12 -10.08
C GLU A 45 4.97 -5.27 -9.50
N GLY A 46 5.01 -5.69 -8.23
CA GLY A 46 6.27 -5.89 -7.56
C GLY A 46 6.99 -4.56 -7.33
N LYS A 47 6.21 -3.49 -7.37
CA LYS A 47 6.75 -2.16 -7.16
C LYS A 47 6.59 -1.76 -5.71
N ARG A 48 7.73 -1.58 -5.05
CA ARG A 48 7.74 -1.21 -3.64
C ARG A 48 7.75 0.31 -3.50
N GLY A 49 6.73 0.82 -2.80
CA GLY A 49 6.61 2.25 -2.58
C GLY A 49 5.89 2.55 -1.27
N MET A 50 5.99 3.80 -0.85
CA MET A 50 5.35 4.22 0.38
C MET A 50 3.88 4.59 0.15
N ILE A 51 3.00 3.69 0.55
CA ILE A 51 1.57 3.91 0.38
C ILE A 51 0.95 4.21 1.74
N PRO A 52 -0.27 4.83 1.69
CA PRO A 52 -0.98 5.18 2.91
C PRO A 52 -1.59 3.94 3.56
N VAL A 53 -1.42 3.87 4.88
CA VAL A 53 -1.95 2.75 5.63
C VAL A 53 -3.44 2.96 5.89
N PRO A 54 -3.83 4.27 5.99
CA PRO A 54 -5.22 4.62 6.22
C PRO A 54 -6.05 4.43 4.96
N TYR A 55 -5.35 4.31 3.83
CA TYR A 55 -6.02 4.12 2.56
C TYR A 55 -6.11 2.64 2.20
N VAL A 56 -5.70 1.80 3.15
CA VAL A 56 -5.74 0.37 2.93
C VAL A 56 -6.26 -0.31 4.20
N GLU A 57 -6.65 -1.56 4.05
CA GLU A 57 -7.18 -2.33 5.17
C GLU A 57 -6.31 -3.58 5.41
N LYS A 58 -6.51 -4.18 6.57
CA LYS A 58 -5.76 -5.37 6.94
C LYS A 58 -6.50 -6.61 6.44
N TYR A 59 -5.77 -7.43 5.70
CA TYR A 59 -6.35 -8.65 5.16
C TYR A 59 -5.59 -9.89 5.65
N GLY A 60 -6.06 -11.05 5.21
CA GLY A 60 -5.44 -12.30 5.61
C GLY A 60 -5.52 -12.50 7.12
N CYS A 1 -4.15 -13.79 5.76
CA CYS A 1 -4.01 -14.70 6.88
C CYS A 1 -2.54 -14.72 7.31
N GLY A 2 -2.30 -14.20 8.51
CA GLY A 2 -0.94 -14.16 9.04
C GLY A 2 0.07 -13.90 7.93
N ALA A 3 0.28 -12.62 7.63
CA ALA A 3 1.22 -12.23 6.59
C ALA A 3 1.33 -10.71 6.56
N GLU A 4 1.60 -10.20 5.37
CA GLU A 4 1.73 -8.75 5.19
C GLU A 4 1.03 -8.32 3.90
N TYR A 5 -0.30 -8.37 3.94
CA TYR A 5 -1.09 -7.98 2.79
C TYR A 5 -2.13 -6.93 3.19
N VAL A 6 -2.18 -5.87 2.40
CA VAL A 6 -3.13 -4.79 2.65
C VAL A 6 -3.96 -4.54 1.39
N ARG A 7 -5.14 -3.98 1.59
CA ARG A 7 -6.02 -3.68 0.48
C ARG A 7 -6.44 -2.21 0.52
N ALA A 8 -6.36 -1.58 -0.64
CA ALA A 8 -6.72 -0.18 -0.76
C ALA A 8 -8.16 -0.06 -1.28
N LEU A 9 -9.04 0.39 -0.40
CA LEU A 9 -10.44 0.55 -0.75
C LEU A 9 -10.69 1.99 -1.18
N PHE A 10 -9.80 2.87 -0.74
CA PHE A 10 -9.93 4.28 -1.07
C PHE A 10 -9.08 4.63 -2.29
N ASP A 11 -9.53 5.63 -3.03
CA ASP A 11 -8.83 6.07 -4.22
C ASP A 11 -8.08 7.36 -3.92
N PHE A 12 -6.93 7.51 -4.55
CA PHE A 12 -6.10 8.69 -4.35
C PHE A 12 -5.26 8.98 -5.60
N ASN A 13 -4.68 7.92 -6.13
CA ASN A 13 -3.83 8.05 -7.31
C ASN A 13 -2.79 9.14 -7.08
N GLY A 14 -1.59 8.71 -6.75
CA GLY A 14 -0.50 9.63 -6.50
C GLY A 14 0.82 8.89 -6.29
N ASN A 15 1.69 8.99 -7.29
CA ASN A 15 2.98 8.33 -7.21
C ASN A 15 4.07 9.38 -6.92
N ASP A 16 4.05 10.44 -7.71
CA ASP A 16 5.02 11.51 -7.55
C ASP A 16 6.42 10.99 -7.89
N GLU A 17 6.89 10.07 -7.07
CA GLU A 17 8.20 9.48 -7.28
C GLU A 17 8.60 8.64 -6.07
N GLU A 18 7.64 7.92 -5.54
CA GLU A 18 7.88 7.07 -4.38
C GLU A 18 6.55 6.48 -3.87
N ASP A 19 5.50 7.27 -4.01
CA ASP A 19 4.19 6.85 -3.57
C ASP A 19 3.63 5.81 -4.55
N LEU A 20 2.51 5.22 -4.17
CA LEU A 20 1.87 4.21 -5.00
C LEU A 20 0.41 4.61 -5.25
N PRO A 21 0.08 4.81 -6.54
CA PRO A 21 -1.27 5.19 -6.93
C PRO A 21 -2.22 4.01 -6.84
N PHE A 22 -3.44 4.30 -6.41
CA PHE A 22 -4.45 3.27 -6.26
C PHE A 22 -5.86 3.85 -6.45
N LYS A 23 -6.83 2.96 -6.48
CA LYS A 23 -8.22 3.37 -6.65
C LYS A 23 -9.06 2.78 -5.50
N LYS A 24 -9.49 1.55 -5.71
CA LYS A 24 -10.31 0.88 -4.70
C LYS A 24 -10.35 -0.62 -5.02
N GLY A 25 -9.74 -1.40 -4.14
CA GLY A 25 -9.71 -2.84 -4.31
C GLY A 25 -8.30 -3.32 -4.68
N ASP A 26 -7.34 -2.43 -4.49
CA ASP A 26 -5.96 -2.74 -4.80
C ASP A 26 -5.33 -3.50 -3.63
N ILE A 27 -4.27 -4.23 -3.92
CA ILE A 27 -3.58 -5.00 -2.90
C ILE A 27 -2.13 -4.50 -2.80
N LEU A 28 -1.64 -4.46 -1.57
CA LEU A 28 -0.28 -4.02 -1.32
C LEU A 28 0.32 -4.86 -0.19
N ARG A 29 1.48 -5.43 -0.48
CA ARG A 29 2.17 -6.26 0.49
C ARG A 29 3.08 -5.40 1.38
N ILE A 30 3.00 -5.63 2.67
CA ILE A 30 3.80 -4.89 3.63
C ILE A 30 5.18 -5.52 3.71
N ARG A 31 6.18 -4.73 3.32
CA ARG A 31 7.56 -5.18 3.35
C ARG A 31 8.38 -4.33 4.30
N ASP A 32 8.02 -3.06 4.39
CA ASP A 32 8.71 -2.14 5.26
C ASP A 32 7.72 -1.12 5.82
N LYS A 33 8.07 -0.56 6.97
CA LYS A 33 7.21 0.42 7.61
C LYS A 33 8.09 1.42 8.38
N PRO A 34 8.79 2.29 7.60
CA PRO A 34 9.67 3.29 8.19
C PRO A 34 8.84 4.44 8.79
N GLU A 35 7.68 4.66 8.20
CA GLU A 35 6.80 5.73 8.65
C GLU A 35 5.62 5.14 9.43
N GLU A 36 4.92 6.01 10.13
CA GLU A 36 3.77 5.59 10.92
C GLU A 36 2.48 5.82 10.12
N GLN A 37 2.53 6.80 9.24
CA GLN A 37 1.38 7.14 8.41
C GLN A 37 1.31 6.20 7.20
N TRP A 38 2.37 6.22 6.41
CA TRP A 38 2.44 5.39 5.23
C TRP A 38 3.47 4.29 5.49
N TRP A 39 3.40 3.25 4.66
CA TRP A 39 4.34 2.14 4.78
C TRP A 39 4.75 1.71 3.37
N ASN A 40 5.90 1.06 3.31
CA ASN A 40 6.42 0.59 2.03
C ASN A 40 5.88 -0.81 1.74
N ALA A 41 4.96 -0.87 0.79
CA ALA A 41 4.35 -2.13 0.42
C ALA A 41 4.59 -2.39 -1.07
N GLU A 42 4.12 -3.54 -1.53
CA GLU A 42 4.28 -3.91 -2.92
C GLU A 42 2.90 -4.01 -3.60
N ASP A 43 2.70 -3.14 -4.57
CA ASP A 43 1.44 -3.13 -5.31
C ASP A 43 1.29 -4.44 -6.08
N SER A 44 0.36 -4.43 -7.02
CA SER A 44 0.11 -5.61 -7.84
C SER A 44 1.02 -5.60 -9.07
N GLU A 45 2.32 -5.60 -8.81
CA GLU A 45 3.30 -5.59 -9.87
C GLU A 45 4.71 -5.45 -9.30
N GLY A 46 4.84 -5.82 -8.03
CA GLY A 46 6.12 -5.75 -7.36
C GLY A 46 6.55 -4.29 -7.16
N LYS A 47 5.58 -3.40 -7.32
CA LYS A 47 5.84 -1.98 -7.16
C LYS A 47 6.08 -1.67 -5.69
N ARG A 48 7.35 -1.52 -5.34
CA ARG A 48 7.73 -1.22 -3.97
C ARG A 48 7.71 0.29 -3.74
N GLY A 49 6.68 0.74 -3.02
CA GLY A 49 6.55 2.15 -2.71
C GLY A 49 5.78 2.35 -1.40
N MET A 50 5.79 3.60 -0.93
CA MET A 50 5.11 3.94 0.30
C MET A 50 3.65 4.30 0.04
N ILE A 51 2.77 3.50 0.60
CA ILE A 51 1.34 3.72 0.44
C ILE A 51 0.73 4.11 1.79
N PRO A 52 -0.48 4.72 1.71
CA PRO A 52 -1.18 5.14 2.92
C PRO A 52 -1.78 3.94 3.65
N VAL A 53 -1.57 3.93 4.96
CA VAL A 53 -2.09 2.86 5.80
C VAL A 53 -3.58 3.10 6.07
N PRO A 54 -3.94 4.40 6.14
CA PRO A 54 -5.32 4.78 6.39
C PRO A 54 -6.19 4.55 5.16
N TYR A 55 -5.55 4.58 4.00
CA TYR A 55 -6.25 4.38 2.75
C TYR A 55 -6.20 2.91 2.32
N VAL A 56 -5.99 2.05 3.30
CA VAL A 56 -5.92 0.63 3.05
C VAL A 56 -6.50 -0.13 4.24
N GLU A 57 -6.69 -1.44 4.04
CA GLU A 57 -7.23 -2.28 5.09
C GLU A 57 -6.32 -3.48 5.33
N LYS A 58 -6.48 -4.09 6.49
CA LYS A 58 -5.68 -5.25 6.85
C LYS A 58 -6.33 -6.51 6.28
N TYR A 59 -5.54 -7.27 5.55
CA TYR A 59 -6.02 -8.51 4.95
C TYR A 59 -5.42 -9.73 5.64
N GLY A 60 -6.24 -10.76 5.77
CA GLY A 60 -5.79 -11.99 6.40
C GLY A 60 -4.36 -12.32 6.02
N CYS A 1 -4.71 -11.37 8.59
CA CYS A 1 -3.67 -11.66 9.56
C CYS A 1 -2.84 -12.82 9.03
N GLY A 2 -1.61 -12.91 9.55
CA GLY A 2 -0.71 -13.97 9.13
C GLY A 2 0.41 -13.42 8.25
N ALA A 3 0.05 -13.09 7.01
CA ALA A 3 1.01 -12.56 6.06
C ALA A 3 1.01 -11.03 6.15
N GLU A 4 1.63 -10.42 5.15
CA GLU A 4 1.70 -8.97 5.10
C GLU A 4 1.00 -8.45 3.84
N TYR A 5 -0.29 -8.73 3.76
CA TYR A 5 -1.07 -8.30 2.62
C TYR A 5 -2.10 -7.24 3.03
N VAL A 6 -2.10 -6.14 2.30
CA VAL A 6 -3.02 -5.05 2.58
C VAL A 6 -3.91 -4.82 1.36
N ARG A 7 -4.87 -3.91 1.53
CA ARG A 7 -5.79 -3.59 0.46
C ARG A 7 -6.15 -2.10 0.50
N ALA A 8 -6.36 -1.55 -0.70
CA ALA A 8 -6.70 -0.14 -0.81
C ALA A 8 -8.18 -0.02 -1.19
N LEU A 9 -8.97 0.45 -0.24
CA LEU A 9 -10.40 0.62 -0.47
C LEU A 9 -10.66 2.02 -1.04
N PHE A 10 -9.60 2.82 -1.07
CA PHE A 10 -9.70 4.17 -1.59
C PHE A 10 -8.75 4.37 -2.77
N ASP A 11 -9.07 5.37 -3.58
CA ASP A 11 -8.26 5.68 -4.75
C ASP A 11 -7.49 6.98 -4.51
N PHE A 12 -6.30 7.04 -5.08
CA PHE A 12 -5.46 8.22 -4.93
C PHE A 12 -4.14 8.06 -5.68
N ASN A 13 -4.26 8.06 -7.01
CA ASN A 13 -3.09 7.92 -7.87
C ASN A 13 -1.92 8.68 -7.25
N GLY A 14 -0.73 8.13 -7.42
CA GLY A 14 0.47 8.74 -6.90
C GLY A 14 0.65 10.16 -7.46
N ASN A 15 0.28 11.13 -6.66
CA ASN A 15 0.39 12.53 -7.06
C ASN A 15 1.81 13.02 -6.77
N ASP A 16 2.27 12.72 -5.57
CA ASP A 16 3.60 13.13 -5.15
C ASP A 16 4.65 12.31 -5.93
N GLU A 17 5.89 12.74 -5.82
CA GLU A 17 6.99 12.06 -6.50
C GLU A 17 7.61 11.01 -5.59
N GLU A 18 6.75 10.22 -4.98
CA GLU A 18 7.20 9.17 -4.08
C GLU A 18 6.02 8.37 -3.54
N ASP A 19 5.23 7.84 -4.47
CA ASP A 19 4.06 7.06 -4.12
C ASP A 19 3.61 6.24 -5.33
N LEU A 20 2.76 5.27 -5.05
CA LEU A 20 2.23 4.41 -6.10
C LEU A 20 0.74 4.66 -6.28
N PRO A 21 0.29 4.68 -7.56
CA PRO A 21 -1.11 4.91 -7.87
C PRO A 21 -1.95 3.67 -7.56
N PHE A 22 -3.09 3.91 -6.91
CA PHE A 22 -3.98 2.83 -6.55
C PHE A 22 -5.44 3.27 -6.63
N LYS A 23 -6.33 2.30 -6.53
CA LYS A 23 -7.75 2.59 -6.58
C LYS A 23 -8.44 1.95 -5.37
N LYS A 24 -9.74 1.74 -5.51
CA LYS A 24 -10.53 1.14 -4.44
C LYS A 24 -10.72 -0.35 -4.72
N GLY A 25 -10.02 -1.17 -3.94
CA GLY A 25 -10.10 -2.60 -4.10
C GLY A 25 -8.75 -3.18 -4.54
N ASP A 26 -7.71 -2.38 -4.35
CA ASP A 26 -6.37 -2.80 -4.73
C ASP A 26 -5.73 -3.57 -3.56
N ILE A 27 -4.61 -4.21 -3.86
CA ILE A 27 -3.90 -4.98 -2.86
C ILE A 27 -2.44 -4.55 -2.83
N LEU A 28 -1.87 -4.54 -1.63
CA LEU A 28 -0.48 -4.15 -1.46
C LEU A 28 0.11 -4.91 -0.27
N ARG A 29 1.25 -5.54 -0.52
CA ARG A 29 1.93 -6.30 0.52
C ARG A 29 2.80 -5.39 1.37
N ILE A 30 2.77 -5.62 2.67
CA ILE A 30 3.55 -4.82 3.60
C ILE A 30 4.96 -5.39 3.68
N ARG A 31 5.91 -4.62 3.19
CA ARG A 31 7.31 -5.03 3.21
C ARG A 31 8.06 -4.33 4.35
N ASP A 32 8.00 -3.01 4.33
CA ASP A 32 8.66 -2.22 5.35
C ASP A 32 7.71 -1.11 5.83
N LYS A 33 8.09 -0.50 6.94
CA LYS A 33 7.29 0.57 7.51
C LYS A 33 8.22 1.63 8.12
N PRO A 34 8.70 2.54 7.24
CA PRO A 34 9.58 3.60 7.68
C PRO A 34 8.81 4.69 8.43
N GLU A 35 7.54 4.81 8.09
CA GLU A 35 6.69 5.80 8.71
C GLU A 35 5.50 5.12 9.39
N GLU A 36 4.73 5.92 10.12
CA GLU A 36 3.57 5.41 10.82
C GLU A 36 2.30 5.63 9.98
N GLN A 37 2.34 6.69 9.18
CA GLN A 37 1.22 7.02 8.33
C GLN A 37 1.21 6.13 7.08
N TRP A 38 2.30 6.24 6.32
CA TRP A 38 2.43 5.46 5.10
C TRP A 38 3.43 4.33 5.38
N TRP A 39 3.32 3.28 4.58
CA TRP A 39 4.21 2.14 4.72
C TRP A 39 4.68 1.72 3.32
N ASN A 40 5.82 1.07 3.29
CA ASN A 40 6.40 0.61 2.03
C ASN A 40 5.85 -0.78 1.70
N ALA A 41 4.84 -0.80 0.83
CA ALA A 41 4.23 -2.06 0.43
C ALA A 41 4.59 -2.35 -1.02
N GLU A 42 4.18 -3.53 -1.47
CA GLU A 42 4.46 -3.96 -2.83
C GLU A 42 3.16 -4.19 -3.59
N ASP A 43 2.97 -3.39 -4.63
CA ASP A 43 1.77 -3.50 -5.45
C ASP A 43 1.79 -4.85 -6.20
N SER A 44 0.79 -5.03 -7.04
CA SER A 44 0.67 -6.25 -7.82
C SER A 44 1.62 -6.20 -9.01
N GLU A 45 2.90 -6.06 -8.72
CA GLU A 45 3.91 -5.99 -9.76
C GLU A 45 5.31 -5.92 -9.14
N GLY A 46 5.35 -6.10 -7.84
CA GLY A 46 6.61 -6.06 -7.11
C GLY A 46 7.11 -4.63 -6.96
N LYS A 47 6.19 -3.69 -7.14
CA LYS A 47 6.53 -2.28 -7.02
C LYS A 47 6.47 -1.86 -5.55
N ARG A 48 7.65 -1.67 -4.98
CA ARG A 48 7.75 -1.27 -3.59
C ARG A 48 7.71 0.25 -3.46
N GLY A 49 6.69 0.73 -2.78
CA GLY A 49 6.53 2.17 -2.58
C GLY A 49 5.78 2.46 -1.27
N MET A 50 5.83 3.71 -0.87
CA MET A 50 5.17 4.15 0.35
C MET A 50 3.71 4.52 0.08
N ILE A 51 2.82 3.73 0.66
CA ILE A 51 1.39 3.97 0.50
C ILE A 51 0.77 4.31 1.85
N PRO A 52 -0.46 4.90 1.79
CA PRO A 52 -1.16 5.29 3.01
C PRO A 52 -1.73 4.05 3.71
N VAL A 53 -1.55 4.03 5.03
CA VAL A 53 -2.05 2.92 5.83
C VAL A 53 -3.55 3.11 6.08
N PRO A 54 -3.95 4.41 6.18
CA PRO A 54 -5.35 4.75 6.42
C PRO A 54 -6.19 4.53 5.16
N TYR A 55 -5.51 4.57 4.01
CA TYR A 55 -6.18 4.38 2.74
C TYR A 55 -6.13 2.92 2.31
N VAL A 56 -5.81 2.07 3.26
CA VAL A 56 -5.73 0.64 2.99
C VAL A 56 -6.20 -0.14 4.22
N GLU A 57 -6.45 -1.43 4.00
CA GLU A 57 -6.91 -2.29 5.08
C GLU A 57 -6.08 -3.56 5.13
N LYS A 58 -6.21 -4.28 6.23
CA LYS A 58 -5.47 -5.52 6.42
C LYS A 58 -6.31 -6.69 5.88
N TYR A 59 -5.73 -7.41 4.94
CA TYR A 59 -6.41 -8.55 4.34
C TYR A 59 -7.11 -9.38 5.41
N GLY A 60 -6.36 -9.73 6.44
CA GLY A 60 -6.90 -10.52 7.53
C GLY A 60 -5.95 -10.54 8.72
N CYS A 1 -6.75 -10.48 9.83
CA CYS A 1 -5.33 -10.18 9.67
C CYS A 1 -4.62 -11.47 9.26
N GLY A 2 -3.43 -11.31 8.69
CA GLY A 2 -2.65 -12.44 8.23
C GLY A 2 -1.19 -12.04 8.01
N ALA A 3 -0.71 -12.34 6.82
CA ALA A 3 0.67 -12.01 6.46
C ALA A 3 0.81 -10.50 6.32
N GLU A 4 1.47 -10.10 5.25
CA GLU A 4 1.69 -8.68 4.98
C GLU A 4 0.95 -8.26 3.71
N TYR A 5 -0.37 -8.41 3.75
CA TYR A 5 -1.20 -8.05 2.62
C TYR A 5 -2.34 -7.12 3.05
N VAL A 6 -2.30 -5.92 2.50
CA VAL A 6 -3.33 -4.92 2.82
C VAL A 6 -4.25 -4.74 1.61
N ARG A 7 -5.38 -4.11 1.85
CA ARG A 7 -6.35 -3.87 0.80
C ARG A 7 -6.68 -2.38 0.72
N ALA A 8 -6.66 -1.86 -0.50
CA ALA A 8 -6.95 -0.46 -0.72
C ALA A 8 -8.41 -0.31 -1.18
N LEU A 9 -9.20 0.30 -0.31
CA LEU A 9 -10.61 0.51 -0.60
C LEU A 9 -10.79 1.87 -1.27
N PHE A 10 -9.73 2.68 -1.21
CA PHE A 10 -9.77 4.00 -1.80
C PHE A 10 -8.66 4.16 -2.85
N ASP A 11 -8.89 5.10 -3.75
CA ASP A 11 -7.93 5.37 -4.82
C ASP A 11 -7.14 6.63 -4.48
N PHE A 12 -5.85 6.57 -4.74
CA PHE A 12 -4.97 7.69 -4.47
C PHE A 12 -3.79 7.72 -5.44
N ASN A 13 -3.86 6.84 -6.43
CA ASN A 13 -2.82 6.75 -7.43
C ASN A 13 -1.46 7.01 -6.76
N GLY A 14 -0.53 7.49 -7.57
CA GLY A 14 0.81 7.78 -7.07
C GLY A 14 1.67 8.43 -8.15
N ASN A 15 2.95 8.11 -8.13
CA ASN A 15 3.88 8.67 -9.09
C ASN A 15 5.31 8.21 -8.75
N ASP A 16 5.48 6.90 -8.70
CA ASP A 16 6.77 6.33 -8.39
C ASP A 16 7.36 7.06 -7.17
N GLU A 17 8.46 7.75 -7.41
CA GLU A 17 9.13 8.49 -6.35
C GLU A 17 9.03 7.74 -5.03
N GLU A 18 9.31 6.44 -5.11
CA GLU A 18 9.25 5.59 -3.92
C GLU A 18 7.81 5.46 -3.43
N ASP A 19 6.92 5.19 -4.38
CA ASP A 19 5.51 5.03 -4.06
C ASP A 19 4.84 4.16 -5.11
N LEU A 20 3.71 3.60 -4.74
CA LEU A 20 2.96 2.74 -5.64
C LEU A 20 1.50 3.21 -5.70
N PRO A 21 1.01 3.43 -6.95
CA PRO A 21 -0.36 3.87 -7.15
C PRO A 21 -1.34 2.73 -6.92
N PHE A 22 -2.53 3.09 -6.45
CA PHE A 22 -3.57 2.11 -6.18
C PHE A 22 -4.96 2.72 -6.36
N LYS A 23 -5.95 1.85 -6.35
CA LYS A 23 -7.32 2.29 -6.50
C LYS A 23 -8.18 1.69 -5.38
N LYS A 24 -9.49 1.69 -5.60
CA LYS A 24 -10.41 1.15 -4.63
C LYS A 24 -10.67 -0.33 -4.93
N GLY A 25 -10.00 -1.18 -4.16
CA GLY A 25 -10.14 -2.61 -4.35
C GLY A 25 -8.83 -3.24 -4.83
N ASP A 26 -7.73 -2.59 -4.46
CA ASP A 26 -6.42 -3.07 -4.84
C ASP A 26 -5.74 -3.71 -3.62
N ILE A 27 -4.70 -4.49 -3.90
CA ILE A 27 -3.96 -5.15 -2.85
C ILE A 27 -2.50 -4.68 -2.88
N LEU A 28 -1.91 -4.67 -1.70
CA LEU A 28 -0.52 -4.24 -1.56
C LEU A 28 0.15 -5.03 -0.43
N ARG A 29 1.37 -5.45 -0.70
CA ARG A 29 2.13 -6.21 0.30
C ARG A 29 2.90 -5.26 1.22
N ILE A 30 2.86 -5.57 2.50
CA ILE A 30 3.55 -4.76 3.49
C ILE A 30 5.01 -5.19 3.57
N ARG A 31 5.88 -4.32 3.09
CA ARG A 31 7.30 -4.60 3.11
C ARG A 31 7.93 -4.13 4.42
N ASP A 32 7.80 -2.85 4.68
CA ASP A 32 8.35 -2.27 5.90
C ASP A 32 7.47 -1.08 6.33
N LYS A 33 7.43 -0.87 7.63
CA LYS A 33 6.64 0.22 8.18
C LYS A 33 7.48 0.99 9.21
N PRO A 34 8.42 1.82 8.67
CA PRO A 34 9.28 2.62 9.52
C PRO A 34 8.53 3.80 10.13
N GLU A 35 7.76 4.47 9.29
CA GLU A 35 6.98 5.61 9.73
C GLU A 35 5.72 5.15 10.46
N GLU A 36 4.99 6.12 10.98
CA GLU A 36 3.76 5.83 11.70
C GLU A 36 2.56 6.38 10.95
N GLN A 37 2.45 6.00 9.68
CA GLN A 37 1.36 6.45 8.84
C GLN A 37 1.47 5.82 7.45
N TRP A 38 2.60 6.07 6.81
CA TRP A 38 2.85 5.54 5.48
C TRP A 38 3.92 4.46 5.59
N TRP A 39 3.74 3.42 4.80
CA TRP A 39 4.68 2.30 4.80
C TRP A 39 4.99 1.94 3.33
N ASN A 40 6.09 1.24 3.16
CA ASN A 40 6.50 0.83 1.82
C ASN A 40 5.97 -0.58 1.54
N ALA A 41 5.02 -0.65 0.62
CA ALA A 41 4.43 -1.92 0.25
C ALA A 41 4.72 -2.21 -1.22
N GLU A 42 4.18 -3.32 -1.70
CA GLU A 42 4.38 -3.71 -3.08
C GLU A 42 3.03 -3.99 -3.75
N ASP A 43 2.80 -3.30 -4.86
CA ASP A 43 1.56 -3.46 -5.60
C ASP A 43 1.61 -4.77 -6.38
N SER A 44 0.60 -4.96 -7.23
CA SER A 44 0.52 -6.16 -8.04
C SER A 44 1.39 -6.00 -9.29
N GLU A 45 2.68 -5.84 -9.06
CA GLU A 45 3.63 -5.68 -10.15
C GLU A 45 5.05 -5.57 -9.60
N GLY A 46 5.18 -5.84 -8.32
CA GLY A 46 6.48 -5.78 -7.67
C GLY A 46 6.92 -4.33 -7.45
N LYS A 47 5.95 -3.43 -7.55
CA LYS A 47 6.22 -2.01 -7.37
C LYS A 47 6.24 -1.69 -5.87
N ARG A 48 7.45 -1.57 -5.34
CA ARG A 48 7.61 -1.25 -3.93
C ARG A 48 7.71 0.26 -3.73
N GLY A 49 6.71 0.79 -3.03
CA GLY A 49 6.67 2.22 -2.76
C GLY A 49 5.94 2.51 -1.44
N MET A 50 6.05 3.75 -1.00
CA MET A 50 5.42 4.16 0.23
C MET A 50 3.98 4.63 -0.02
N ILE A 51 3.04 3.85 0.49
CA ILE A 51 1.63 4.16 0.32
C ILE A 51 1.01 4.45 1.70
N PRO A 52 -0.21 5.03 1.66
CA PRO A 52 -0.91 5.36 2.89
C PRO A 52 -1.49 4.10 3.55
N VAL A 53 -1.30 4.02 4.86
CA VAL A 53 -1.79 2.88 5.61
C VAL A 53 -3.28 3.06 5.89
N PRO A 54 -3.70 4.35 6.04
CA PRO A 54 -5.08 4.67 6.31
C PRO A 54 -5.93 4.52 5.05
N TYR A 55 -5.24 4.36 3.92
CA TYR A 55 -5.91 4.21 2.64
C TYR A 55 -6.10 2.73 2.29
N VAL A 56 -5.59 1.88 3.17
CA VAL A 56 -5.69 0.45 2.98
C VAL A 56 -6.16 -0.22 4.27
N GLU A 57 -6.40 -1.51 4.18
CA GLU A 57 -6.85 -2.27 5.34
C GLU A 57 -6.09 -3.60 5.43
N LYS A 58 -6.32 -4.30 6.53
CA LYS A 58 -5.67 -5.58 6.75
C LYS A 58 -6.51 -6.69 6.13
N TYR A 59 -5.87 -7.48 5.28
CA TYR A 59 -6.55 -8.58 4.61
C TYR A 59 -7.44 -9.34 5.60
N GLY A 60 -6.79 -10.09 6.48
CA GLY A 60 -7.51 -10.87 7.47
C GLY A 60 -7.71 -10.07 8.75
N CYS A 1 -4.42 -11.76 9.34
CA CYS A 1 -3.17 -11.40 9.95
C CYS A 1 -2.24 -12.62 9.89
N GLY A 2 -0.96 -12.34 9.72
CA GLY A 2 0.04 -13.39 9.64
C GLY A 2 0.75 -13.39 8.29
N ALA A 3 1.19 -12.21 7.89
CA ALA A 3 1.87 -12.05 6.62
C ALA A 3 2.21 -10.58 6.41
N GLU A 4 1.44 -9.95 5.52
CA GLU A 4 1.64 -8.54 5.22
C GLU A 4 0.89 -8.16 3.94
N TYR A 5 -0.43 -8.28 4.02
CA TYR A 5 -1.29 -7.95 2.89
C TYR A 5 -2.32 -6.89 3.26
N VAL A 6 -2.22 -5.74 2.61
CA VAL A 6 -3.14 -4.66 2.86
C VAL A 6 -3.90 -4.32 1.59
N ARG A 7 -5.22 -4.20 1.73
CA ARG A 7 -6.06 -3.88 0.59
C ARG A 7 -6.32 -2.37 0.52
N ALA A 8 -6.48 -1.89 -0.71
CA ALA A 8 -6.73 -0.47 -0.92
C ALA A 8 -8.19 -0.27 -1.31
N LEU A 9 -8.93 0.34 -0.39
CA LEU A 9 -10.34 0.59 -0.62
C LEU A 9 -10.51 2.01 -1.19
N PHE A 10 -9.42 2.74 -1.21
CA PHE A 10 -9.43 4.09 -1.73
C PHE A 10 -8.78 4.16 -3.12
N ASP A 11 -9.12 5.21 -3.85
CA ASP A 11 -8.59 5.39 -5.18
C ASP A 11 -7.86 6.74 -5.26
N PHE A 12 -6.56 6.66 -5.49
CA PHE A 12 -5.75 7.86 -5.57
C PHE A 12 -4.50 7.62 -6.43
N ASN A 13 -4.49 6.46 -7.09
CA ASN A 13 -3.38 6.10 -7.94
C ASN A 13 -2.08 6.63 -7.33
N GLY A 14 -1.09 6.83 -8.19
CA GLY A 14 0.20 7.33 -7.75
C GLY A 14 0.70 8.45 -8.67
N ASN A 15 1.34 9.43 -8.07
CA ASN A 15 1.87 10.55 -8.82
C ASN A 15 2.53 11.55 -7.85
N ASP A 16 3.51 11.04 -7.12
CA ASP A 16 4.23 11.86 -6.16
C ASP A 16 5.71 11.52 -6.20
N GLU A 17 6.00 10.25 -5.92
CA GLU A 17 7.37 9.79 -5.93
C GLU A 17 7.41 8.25 -5.82
N GLU A 18 6.77 7.60 -6.78
CA GLU A 18 6.73 6.15 -6.80
C GLU A 18 5.85 5.64 -5.67
N ASP A 19 4.63 6.18 -5.60
CA ASP A 19 3.68 5.78 -4.57
C ASP A 19 2.80 4.64 -5.11
N LEU A 20 2.60 3.65 -4.26
CA LEU A 20 1.78 2.51 -4.64
C LEU A 20 0.45 2.99 -5.19
N PRO A 21 0.31 2.87 -6.53
CA PRO A 21 -0.92 3.29 -7.19
C PRO A 21 -2.05 2.30 -6.94
N PHE A 22 -3.20 2.85 -6.58
CA PHE A 22 -4.36 2.03 -6.30
C PHE A 22 -5.66 2.75 -6.72
N LYS A 23 -6.73 1.97 -6.78
CA LYS A 23 -8.02 2.53 -7.15
C LYS A 23 -9.06 2.16 -6.08
N LYS A 24 -9.47 0.91 -6.10
CA LYS A 24 -10.45 0.43 -5.15
C LYS A 24 -10.46 -1.10 -5.16
N GLY A 25 -9.97 -1.67 -4.07
CA GLY A 25 -9.92 -3.12 -3.94
C GLY A 25 -8.56 -3.66 -4.42
N ASP A 26 -7.53 -2.84 -4.25
CA ASP A 26 -6.20 -3.22 -4.65
C ASP A 26 -5.51 -3.93 -3.49
N ILE A 27 -4.49 -4.71 -3.84
CA ILE A 27 -3.74 -5.45 -2.84
C ILE A 27 -2.29 -4.95 -2.81
N LEU A 28 -1.78 -4.76 -1.61
CA LEU A 28 -0.42 -4.29 -1.44
C LEU A 28 0.25 -5.08 -0.30
N ARG A 29 1.40 -5.65 -0.62
CA ARG A 29 2.15 -6.42 0.35
C ARG A 29 3.06 -5.51 1.16
N ILE A 30 2.93 -5.60 2.48
CA ILE A 30 3.73 -4.81 3.38
C ILE A 30 5.10 -5.46 3.56
N ARG A 31 6.14 -4.70 3.23
CA ARG A 31 7.50 -5.19 3.35
C ARG A 31 8.32 -4.27 4.27
N ASP A 32 7.94 -3.01 4.28
CA ASP A 32 8.62 -2.03 5.10
C ASP A 32 7.59 -1.14 5.80
N LYS A 33 7.93 -0.73 7.01
CA LYS A 33 7.05 0.12 7.79
C LYS A 33 7.88 1.06 8.65
N PRO A 34 8.67 1.93 7.96
CA PRO A 34 9.52 2.89 8.64
C PRO A 34 8.68 4.04 9.22
N GLU A 35 8.25 4.90 8.32
CA GLU A 35 7.44 6.06 8.72
C GLU A 35 6.29 5.61 9.62
N GLU A 36 5.75 6.57 10.36
CA GLU A 36 4.64 6.28 11.26
C GLU A 36 3.32 6.74 10.63
N GLN A 37 3.25 6.59 9.31
CA GLN A 37 2.05 6.97 8.58
C GLN A 37 1.99 6.23 7.24
N TRP A 38 3.08 6.30 6.51
CA TRP A 38 3.15 5.65 5.21
C TRP A 38 4.00 4.38 5.38
N TRP A 39 3.56 3.32 4.71
CA TRP A 39 4.27 2.05 4.76
C TRP A 39 4.69 1.68 3.34
N ASN A 40 5.83 1.00 3.26
CA ASN A 40 6.34 0.58 1.96
C ASN A 40 5.75 -0.78 1.61
N ALA A 41 4.71 -0.74 0.79
CA ALA A 41 4.04 -1.96 0.36
C ALA A 41 4.37 -2.23 -1.11
N GLU A 42 3.93 -3.40 -1.58
CA GLU A 42 4.18 -3.78 -2.95
C GLU A 42 2.86 -3.97 -3.69
N ASP A 43 2.69 -3.19 -4.75
CA ASP A 43 1.47 -3.26 -5.54
C ASP A 43 1.49 -4.54 -6.39
N SER A 44 0.56 -4.61 -7.32
CA SER A 44 0.46 -5.77 -8.20
C SER A 44 1.43 -5.61 -9.38
N GLU A 45 2.70 -5.58 -9.05
CA GLU A 45 3.74 -5.42 -10.07
C GLU A 45 5.13 -5.52 -9.44
N GLY A 46 5.14 -5.85 -8.16
CA GLY A 46 6.39 -5.97 -7.42
C GLY A 46 7.03 -4.59 -7.20
N LYS A 47 6.18 -3.57 -7.25
CA LYS A 47 6.65 -2.21 -7.06
C LYS A 47 6.46 -1.82 -5.59
N ARG A 48 7.59 -1.58 -4.93
CA ARG A 48 7.57 -1.20 -3.53
C ARG A 48 7.56 0.33 -3.39
N GLY A 49 6.55 0.82 -2.70
CA GLY A 49 6.41 2.25 -2.48
C GLY A 49 5.70 2.55 -1.17
N MET A 50 5.87 3.77 -0.69
CA MET A 50 5.25 4.19 0.55
C MET A 50 3.86 4.77 0.30
N ILE A 51 2.85 3.99 0.68
CA ILE A 51 1.48 4.41 0.50
C ILE A 51 0.84 4.65 1.87
N PRO A 52 -0.39 5.26 1.84
CA PRO A 52 -1.11 5.55 3.07
C PRO A 52 -1.71 4.28 3.67
N VAL A 53 -1.49 4.12 4.97
CA VAL A 53 -2.01 2.95 5.67
C VAL A 53 -3.51 3.13 5.91
N PRO A 54 -3.92 4.41 6.09
CA PRO A 54 -5.32 4.73 6.31
C PRO A 54 -6.13 4.60 5.02
N TYR A 55 -5.41 4.42 3.92
CA TYR A 55 -6.05 4.29 2.62
C TYR A 55 -6.15 2.81 2.21
N VAL A 56 -5.78 1.94 3.14
CA VAL A 56 -5.83 0.51 2.89
C VAL A 56 -6.40 -0.19 4.12
N GLU A 57 -6.60 -1.50 3.97
CA GLU A 57 -7.15 -2.30 5.05
C GLU A 57 -6.31 -3.56 5.25
N LYS A 58 -6.50 -4.18 6.41
CA LYS A 58 -5.76 -5.40 6.74
C LYS A 58 -6.57 -6.61 6.27
N TYR A 59 -5.94 -7.43 5.46
CA TYR A 59 -6.58 -8.63 4.94
C TYR A 59 -6.15 -9.86 5.74
N GLY A 60 -6.75 -10.00 6.92
CA GLY A 60 -6.46 -11.13 7.78
C GLY A 60 -4.94 -11.23 8.05
N CYS A 1 -3.35 -10.77 8.97
CA CYS A 1 -2.10 -10.19 9.41
C CYS A 1 -0.99 -11.21 9.21
N GLY A 2 -1.39 -12.45 8.99
CA GLY A 2 -0.44 -13.53 8.78
C GLY A 2 0.84 -13.01 8.14
N ALA A 3 0.80 -12.88 6.83
CA ALA A 3 1.96 -12.39 6.09
C ALA A 3 2.01 -10.86 6.18
N GLU A 4 1.65 -10.23 5.07
CA GLU A 4 1.65 -8.78 5.02
C GLU A 4 0.89 -8.30 3.77
N TYR A 5 -0.43 -8.37 3.86
CA TYR A 5 -1.28 -7.95 2.76
C TYR A 5 -2.35 -6.97 3.24
N VAL A 6 -2.60 -5.96 2.40
CA VAL A 6 -3.59 -4.95 2.73
C VAL A 6 -4.40 -4.62 1.48
N ARG A 7 -5.65 -4.26 1.70
CA ARG A 7 -6.54 -3.91 0.61
C ARG A 7 -6.78 -2.40 0.57
N ALA A 8 -6.61 -1.83 -0.61
CA ALA A 8 -6.80 -0.41 -0.79
C ALA A 8 -8.26 -0.13 -1.16
N LEU A 9 -9.00 0.34 -0.18
CA LEU A 9 -10.41 0.65 -0.38
C LEU A 9 -10.55 2.07 -0.92
N PHE A 10 -9.41 2.75 -1.03
CA PHE A 10 -9.39 4.11 -1.53
C PHE A 10 -8.36 4.26 -2.66
N ASP A 11 -8.59 5.29 -3.47
CA ASP A 11 -7.69 5.56 -4.59
C ASP A 11 -6.94 6.86 -4.33
N PHE A 12 -5.80 7.00 -4.98
CA PHE A 12 -4.98 8.19 -4.84
C PHE A 12 -3.73 8.10 -5.72
N ASN A 13 -3.93 7.62 -6.93
CA ASN A 13 -2.83 7.48 -7.87
C ASN A 13 -2.04 8.79 -7.93
N GLY A 14 -0.82 8.70 -8.43
CA GLY A 14 0.04 9.86 -8.54
C GLY A 14 0.91 9.77 -9.80
N ASN A 15 2.22 9.89 -9.57
CA ASN A 15 3.18 9.83 -10.67
C ASN A 15 4.51 10.41 -10.21
N ASP A 16 5.24 9.60 -9.44
CA ASP A 16 6.53 10.03 -8.93
C ASP A 16 7.23 8.83 -8.28
N GLU A 17 8.52 9.00 -8.06
CA GLU A 17 9.31 7.94 -7.44
C GLU A 17 9.37 8.15 -5.92
N GLU A 18 8.19 8.23 -5.32
CA GLU A 18 8.09 8.42 -3.89
C GLU A 18 6.82 7.75 -3.35
N ASP A 19 5.73 7.97 -4.06
CA ASP A 19 4.45 7.40 -3.66
C ASP A 19 4.11 6.25 -4.60
N LEU A 20 3.07 5.51 -4.23
CA LEU A 20 2.62 4.37 -5.01
C LEU A 20 1.18 4.61 -5.46
N PRO A 21 0.98 4.50 -6.81
CA PRO A 21 -0.34 4.69 -7.39
C PRO A 21 -1.24 3.49 -7.12
N PHE A 22 -2.47 3.78 -6.71
CA PHE A 22 -3.43 2.73 -6.42
C PHE A 22 -4.87 3.25 -6.60
N LYS A 23 -5.81 2.30 -6.54
CA LYS A 23 -7.21 2.64 -6.69
C LYS A 23 -8.00 2.05 -5.53
N LYS A 24 -9.31 2.01 -5.70
CA LYS A 24 -10.19 1.46 -4.69
C LYS A 24 -10.44 -0.02 -4.97
N GLY A 25 -9.81 -0.86 -4.15
CA GLY A 25 -9.95 -2.30 -4.31
C GLY A 25 -8.65 -2.92 -4.82
N ASP A 26 -7.54 -2.28 -4.47
CA ASP A 26 -6.24 -2.77 -4.89
C ASP A 26 -5.62 -3.58 -3.75
N ILE A 27 -4.55 -4.30 -4.10
CA ILE A 27 -3.86 -5.12 -3.13
C ILE A 27 -2.40 -4.67 -3.03
N LEU A 28 -1.91 -4.59 -1.80
CA LEU A 28 -0.54 -4.18 -1.56
C LEU A 28 0.04 -5.00 -0.42
N ARG A 29 1.27 -5.44 -0.61
CA ARG A 29 1.96 -6.24 0.39
C ARG A 29 2.88 -5.35 1.24
N ILE A 30 2.80 -5.57 2.55
CA ILE A 30 3.62 -4.80 3.48
C ILE A 30 4.98 -5.48 3.64
N ARG A 31 6.02 -4.70 3.39
CA ARG A 31 7.38 -5.22 3.50
C ARG A 31 8.16 -4.44 4.57
N ASP A 32 7.94 -3.13 4.58
CA ASP A 32 8.61 -2.27 5.54
C ASP A 32 7.70 -1.08 5.87
N LYS A 33 8.17 -0.25 6.79
CA LYS A 33 7.42 0.92 7.20
C LYS A 33 8.38 2.06 7.51
N PRO A 34 9.09 2.52 6.44
CA PRO A 34 10.04 3.61 6.57
C PRO A 34 9.33 4.95 6.73
N GLU A 35 8.75 5.14 7.91
CA GLU A 35 8.04 6.38 8.20
C GLU A 35 7.07 6.17 9.36
N GLU A 36 6.38 7.24 9.72
CA GLU A 36 5.43 7.19 10.82
C GLU A 36 4.02 7.51 10.30
N GLN A 37 3.68 6.87 9.20
CA GLN A 37 2.36 7.07 8.60
C GLN A 37 2.21 6.20 7.35
N TRP A 38 3.16 6.36 6.44
CA TRP A 38 3.14 5.60 5.20
C TRP A 38 4.04 4.37 5.39
N TRP A 39 3.61 3.27 4.78
CA TRP A 39 4.36 2.03 4.86
C TRP A 39 4.79 1.63 3.46
N ASN A 40 5.94 0.98 3.39
CA ASN A 40 6.48 0.54 2.11
C ASN A 40 5.91 -0.84 1.77
N ALA A 41 5.02 -0.86 0.79
CA ALA A 41 4.39 -2.09 0.36
C ALA A 41 4.72 -2.34 -1.10
N GLU A 42 4.29 -3.51 -1.58
CA GLU A 42 4.53 -3.87 -2.97
C GLU A 42 3.20 -4.06 -3.71
N ASP A 43 3.03 -3.26 -4.75
CA ASP A 43 1.81 -3.32 -5.54
C ASP A 43 1.87 -4.55 -6.45
N SER A 44 0.87 -4.64 -7.32
CA SER A 44 0.79 -5.76 -8.25
C SER A 44 1.81 -5.56 -9.39
N GLU A 45 3.08 -5.57 -9.00
CA GLU A 45 4.14 -5.40 -9.97
C GLU A 45 5.51 -5.50 -9.28
N GLY A 46 5.46 -5.76 -7.98
CA GLY A 46 6.68 -5.89 -7.21
C GLY A 46 7.32 -4.52 -6.95
N LYS A 47 6.52 -3.48 -7.18
CA LYS A 47 6.99 -2.12 -6.98
C LYS A 47 6.81 -1.73 -5.51
N ARG A 48 7.94 -1.46 -4.87
CA ARG A 48 7.92 -1.08 -3.47
C ARG A 48 7.80 0.44 -3.33
N GLY A 49 6.76 0.86 -2.61
CA GLY A 49 6.52 2.27 -2.40
C GLY A 49 5.78 2.51 -1.09
N MET A 50 5.80 3.77 -0.65
CA MET A 50 5.13 4.14 0.58
C MET A 50 3.66 4.46 0.34
N ILE A 51 2.82 3.50 0.69
CA ILE A 51 1.38 3.67 0.51
C ILE A 51 0.75 4.07 1.85
N PRO A 52 -0.45 4.69 1.76
CA PRO A 52 -1.17 5.13 2.95
C PRO A 52 -1.81 3.94 3.66
N VAL A 53 -1.62 3.92 4.97
CA VAL A 53 -2.18 2.85 5.79
C VAL A 53 -3.68 3.08 5.98
N PRO A 54 -4.05 4.39 6.05
CA PRO A 54 -5.44 4.77 6.24
C PRO A 54 -6.24 4.57 4.95
N TYR A 55 -5.50 4.40 3.85
CA TYR A 55 -6.13 4.21 2.55
C TYR A 55 -6.20 2.72 2.20
N VAL A 56 -5.72 1.91 3.11
CA VAL A 56 -5.73 0.46 2.92
C VAL A 56 -6.20 -0.22 4.21
N GLU A 57 -6.56 -1.48 4.07
CA GLU A 57 -7.02 -2.26 5.20
C GLU A 57 -6.15 -3.50 5.38
N LYS A 58 -6.32 -4.14 6.55
CA LYS A 58 -5.56 -5.33 6.86
C LYS A 58 -6.30 -6.56 6.32
N TYR A 59 -5.54 -7.45 5.70
CA TYR A 59 -6.11 -8.66 5.14
C TYR A 59 -5.33 -9.90 5.61
N GLY A 60 -5.79 -10.47 6.70
CA GLY A 60 -5.15 -11.65 7.26
C GLY A 60 -3.69 -11.36 7.63
#